data_2NLS
# 
_entry.id   2NLS 
# 
_audit_conform.dict_name       mmcif_pdbx.dic 
_audit_conform.dict_version    5.397 
_audit_conform.dict_location   http://mmcif.pdb.org/dictionaries/ascii/mmcif_pdbx.dic 
# 
loop_
_database_2.database_id 
_database_2.database_code 
_database_2.pdbx_database_accession 
_database_2.pdbx_DOI 
PDB   2NLS         pdb_00002nls 10.2210/pdb2nls/pdb 
RCSB  RCSB040018   ?            ?                   
WWPDB D_1000040018 ?            ?                   
# 
loop_
_pdbx_audit_revision_history.ordinal 
_pdbx_audit_revision_history.data_content_type 
_pdbx_audit_revision_history.major_revision 
_pdbx_audit_revision_history.minor_revision 
_pdbx_audit_revision_history.revision_date 
1 'Structure model' 1 0 2006-10-31 
2 'Structure model' 1 1 2008-05-01 
3 'Structure model' 1 2 2011-07-13 
4 'Structure model' 1 3 2017-10-18 
5 'Structure model' 1 4 2021-10-20 
6 'Structure model' 1 5 2023-08-30 
7 'Structure model' 1 6 2024-10-16 
# 
_pdbx_audit_revision_details.ordinal             1 
_pdbx_audit_revision_details.revision_ordinal    1 
_pdbx_audit_revision_details.data_content_type   'Structure model' 
_pdbx_audit_revision_details.provider            repository 
_pdbx_audit_revision_details.type                'Initial release' 
_pdbx_audit_revision_details.description         ? 
_pdbx_audit_revision_details.details             ? 
# 
loop_
_pdbx_audit_revision_group.ordinal 
_pdbx_audit_revision_group.revision_ordinal 
_pdbx_audit_revision_group.data_content_type 
_pdbx_audit_revision_group.group 
1 2 'Structure model' 'Version format compliance' 
2 3 'Structure model' 'Version format compliance' 
3 4 'Structure model' 'Refinement description'    
4 5 'Structure model' 'Database references'       
5 6 'Structure model' 'Data collection'           
6 6 'Structure model' 'Refinement description'    
7 7 'Structure model' 'Structure summary'         
# 
loop_
_pdbx_audit_revision_category.ordinal 
_pdbx_audit_revision_category.revision_ordinal 
_pdbx_audit_revision_category.data_content_type 
_pdbx_audit_revision_category.category 
1 4 'Structure model' software                      
2 5 'Structure model' database_2                    
3 5 'Structure model' struct_ref_seq_dif            
4 6 'Structure model' chem_comp_atom                
5 6 'Structure model' chem_comp_bond                
6 6 'Structure model' pdbx_initial_refinement_model 
7 7 'Structure model' pdbx_entry_details            
8 7 'Structure model' pdbx_modification_feature     
# 
loop_
_pdbx_audit_revision_item.ordinal 
_pdbx_audit_revision_item.revision_ordinal 
_pdbx_audit_revision_item.data_content_type 
_pdbx_audit_revision_item.item 
1  4 'Structure model' '_software.classification'            
2  4 'Structure model' '_software.contact_author'            
3  4 'Structure model' '_software.contact_author_email'      
4  4 'Structure model' '_software.date'                      
5  4 'Structure model' '_software.language'                  
6  4 'Structure model' '_software.location'                  
7  4 'Structure model' '_software.name'                      
8  4 'Structure model' '_software.type'                      
9  4 'Structure model' '_software.version'                   
10 5 'Structure model' '_database_2.pdbx_DOI'                
11 5 'Structure model' '_database_2.pdbx_database_accession' 
12 5 'Structure model' '_struct_ref_seq_dif.details'         
# 
_pdbx_database_status.entry_id                        2NLS 
_pdbx_database_status.deposit_site                    RCSB 
_pdbx_database_status.process_site                    RCSB 
_pdbx_database_status.recvd_initial_deposition_date   2006-10-20 
_pdbx_database_status.status_code                     REL 
_pdbx_database_status.status_code_sf                  REL 
_pdbx_database_status.status_code_mr                  ? 
_pdbx_database_status.SG_entry                        ? 
_pdbx_database_status.pdb_format_compatible           Y 
_pdbx_database_status.status_code_cs                  ? 
_pdbx_database_status.methods_development_category    ? 
_pdbx_database_status.status_code_nmr_data            ? 
# 
loop_
_pdbx_database_related.db_name 
_pdbx_database_related.db_id 
_pdbx_database_related.details 
_pdbx_database_related.content_type 
PDB 2NLB 'Human beta-defensin-1 (Mutant Asn4Ala)'  unspecified 
PDB 2NLC 'Human beta-defensin-1 (mutant Ser8Ala)'  unspecified 
PDB 2NLD 'Human beta-defensin-1 (Mutant Gln11Ala)' unspecified 
PDB 2NLE 'Human beta-defensin-1 (Mutant Gln11Ala)' unspecified 
PDB 2NLF 'Human beta-defensin-1 (Mutant Leu13Glu)' unspecified 
PDB 2NLH 'Human beta-defensin-1 (mutant GLN24ALA)' unspecified 
PDB 2NLP 'Human beta-defensin-1 (Mutant Gln24Glu)' unspecified 
PDB 2NLQ 'Human beta-defensin-1 (Mutant Lys31Ala)' unspecified 
# 
loop_
_audit_author.name 
_audit_author.pdbx_ordinal 
'Lubkowski, J.' 1 
'Pazgier, M.'   2 
# 
_citation.id                        primary 
_citation.title                     'Studies of the Biological Properties of Human beta-Defensin 1.' 
_citation.journal_abbrev            J.Biol.Chem. 
_citation.journal_volume            282 
_citation.page_first                1819 
_citation.page_last                 1829 
_citation.year                      2007 
_citation.journal_id_ASTM           JBCHA3 
_citation.country                   US 
_citation.journal_id_ISSN           0021-9258 
_citation.journal_id_CSD            0071 
_citation.book_publisher            ? 
_citation.pdbx_database_id_PubMed   17071614 
_citation.pdbx_database_id_DOI      10.1074/jbc.M607210200 
# 
loop_
_citation_author.citation_id 
_citation_author.name 
_citation_author.ordinal 
_citation_author.identifier_ORCID 
primary 'Pazgier, M.'   1 ? 
primary 'Prahl, A.'     2 ? 
primary 'Hoover, D.M.'  3 ? 
primary 'Lubkowski, J.' 4 ? 
# 
loop_
_entity.id 
_entity.type 
_entity.src_method 
_entity.pdbx_description 
_entity.formula_weight 
_entity.pdbx_number_of_molecules 
_entity.pdbx_ec 
_entity.pdbx_mutation 
_entity.pdbx_fragment 
_entity.details 
1 polymer man 'Beta-defensin 1' 3940.532 1  ? K31E 'human beta-defensin 1, residues 33-68' ? 
2 water   nat water             18.015   87 ? ?    ?                                       ? 
# 
_entity_name_com.entity_id   1 
_entity_name_com.name        'BD-1, Defensin, beta 1, hBD-1' 
# 
_entity_poly.entity_id                      1 
_entity_poly.type                           'polypeptide(L)' 
_entity_poly.nstd_linkage                   no 
_entity_poly.nstd_monomer                   no 
_entity_poly.pdbx_seq_one_letter_code       DHYNCVSSGGQCLYSACPIFTKIQGTCYRGEAKCCK 
_entity_poly.pdbx_seq_one_letter_code_can   DHYNCVSSGGQCLYSACPIFTKIQGTCYRGEAKCCK 
_entity_poly.pdbx_strand_id                 A 
_entity_poly.pdbx_target_identifier         ? 
# 
_pdbx_entity_nonpoly.entity_id   2 
_pdbx_entity_nonpoly.name        water 
_pdbx_entity_nonpoly.comp_id     HOH 
# 
loop_
_entity_poly_seq.entity_id 
_entity_poly_seq.num 
_entity_poly_seq.mon_id 
_entity_poly_seq.hetero 
1 1  ASP n 
1 2  HIS n 
1 3  TYR n 
1 4  ASN n 
1 5  CYS n 
1 6  VAL n 
1 7  SER n 
1 8  SER n 
1 9  GLY n 
1 10 GLY n 
1 11 GLN n 
1 12 CYS n 
1 13 LEU n 
1 14 TYR n 
1 15 SER n 
1 16 ALA n 
1 17 CYS n 
1 18 PRO n 
1 19 ILE n 
1 20 PHE n 
1 21 THR n 
1 22 LYS n 
1 23 ILE n 
1 24 GLN n 
1 25 GLY n 
1 26 THR n 
1 27 CYS n 
1 28 TYR n 
1 29 ARG n 
1 30 GLY n 
1 31 GLU n 
1 32 ALA n 
1 33 LYS n 
1 34 CYS n 
1 35 CYS n 
1 36 LYS n 
# 
_entity_src_gen.entity_id                          1 
_entity_src_gen.pdbx_src_id                        1 
_entity_src_gen.pdbx_alt_source_flag               sample 
_entity_src_gen.pdbx_seq_type                      ? 
_entity_src_gen.pdbx_beg_seq_num                   ? 
_entity_src_gen.pdbx_end_seq_num                   ? 
_entity_src_gen.gene_src_common_name               human 
_entity_src_gen.gene_src_genus                     Homo 
_entity_src_gen.pdbx_gene_src_gene                 'DEFB1, BD1, HBD1' 
_entity_src_gen.gene_src_species                   ? 
_entity_src_gen.gene_src_strain                    ? 
_entity_src_gen.gene_src_tissue                    ? 
_entity_src_gen.gene_src_tissue_fraction           ? 
_entity_src_gen.gene_src_details                   ? 
_entity_src_gen.pdbx_gene_src_fragment             ? 
_entity_src_gen.pdbx_gene_src_scientific_name      'Homo sapiens' 
_entity_src_gen.pdbx_gene_src_ncbi_taxonomy_id     9606 
_entity_src_gen.pdbx_gene_src_variant              ? 
_entity_src_gen.pdbx_gene_src_cell_line            ? 
_entity_src_gen.pdbx_gene_src_atcc                 ? 
_entity_src_gen.pdbx_gene_src_organ                ? 
_entity_src_gen.pdbx_gene_src_organelle            ? 
_entity_src_gen.pdbx_gene_src_cell                 ? 
_entity_src_gen.pdbx_gene_src_cellular_location    ? 
_entity_src_gen.host_org_common_name               ? 
_entity_src_gen.pdbx_host_org_scientific_name      'Escherichia coli' 
_entity_src_gen.pdbx_host_org_ncbi_taxonomy_id     562 
_entity_src_gen.host_org_genus                     Escherichia 
_entity_src_gen.pdbx_host_org_gene                 ? 
_entity_src_gen.pdbx_host_org_organ                ? 
_entity_src_gen.host_org_species                   ? 
_entity_src_gen.pdbx_host_org_tissue               ? 
_entity_src_gen.pdbx_host_org_tissue_fraction      ? 
_entity_src_gen.pdbx_host_org_strain               'BL21(DE3)pLysE' 
_entity_src_gen.pdbx_host_org_variant              ? 
_entity_src_gen.pdbx_host_org_cell_line            ? 
_entity_src_gen.pdbx_host_org_atcc                 ? 
_entity_src_gen.pdbx_host_org_culture_collection   ? 
_entity_src_gen.pdbx_host_org_cell                 ? 
_entity_src_gen.pdbx_host_org_organelle            ? 
_entity_src_gen.pdbx_host_org_cellular_location    ? 
_entity_src_gen.pdbx_host_org_vector_type          plasmid 
_entity_src_gen.pdbx_host_org_vector               ? 
_entity_src_gen.host_org_details                   ? 
_entity_src_gen.expression_system_id               ? 
_entity_src_gen.plasmid_name                       pAED4 
_entity_src_gen.plasmid_details                    ? 
_entity_src_gen.pdbx_description                   ? 
# 
loop_
_chem_comp.id 
_chem_comp.type 
_chem_comp.mon_nstd_flag 
_chem_comp.name 
_chem_comp.pdbx_synonyms 
_chem_comp.formula 
_chem_comp.formula_weight 
ALA 'L-peptide linking' y ALANINE         ? 'C3 H7 N O2'     89.093  
ARG 'L-peptide linking' y ARGININE        ? 'C6 H15 N4 O2 1' 175.209 
ASN 'L-peptide linking' y ASPARAGINE      ? 'C4 H8 N2 O3'    132.118 
ASP 'L-peptide linking' y 'ASPARTIC ACID' ? 'C4 H7 N O4'     133.103 
CYS 'L-peptide linking' y CYSTEINE        ? 'C3 H7 N O2 S'   121.158 
GLN 'L-peptide linking' y GLUTAMINE       ? 'C5 H10 N2 O3'   146.144 
GLU 'L-peptide linking' y 'GLUTAMIC ACID' ? 'C5 H9 N O4'     147.129 
GLY 'peptide linking'   y GLYCINE         ? 'C2 H5 N O2'     75.067  
HIS 'L-peptide linking' y HISTIDINE       ? 'C6 H10 N3 O2 1' 156.162 
HOH non-polymer         . WATER           ? 'H2 O'           18.015  
ILE 'L-peptide linking' y ISOLEUCINE      ? 'C6 H13 N O2'    131.173 
LEU 'L-peptide linking' y LEUCINE         ? 'C6 H13 N O2'    131.173 
LYS 'L-peptide linking' y LYSINE          ? 'C6 H15 N2 O2 1' 147.195 
PHE 'L-peptide linking' y PHENYLALANINE   ? 'C9 H11 N O2'    165.189 
PRO 'L-peptide linking' y PROLINE         ? 'C5 H9 N O2'     115.130 
SER 'L-peptide linking' y SERINE          ? 'C3 H7 N O3'     105.093 
THR 'L-peptide linking' y THREONINE       ? 'C4 H9 N O3'     119.119 
TYR 'L-peptide linking' y TYROSINE        ? 'C9 H11 N O3'    181.189 
VAL 'L-peptide linking' y VALINE          ? 'C5 H11 N O2'    117.146 
# 
loop_
_pdbx_poly_seq_scheme.asym_id 
_pdbx_poly_seq_scheme.entity_id 
_pdbx_poly_seq_scheme.seq_id 
_pdbx_poly_seq_scheme.mon_id 
_pdbx_poly_seq_scheme.ndb_seq_num 
_pdbx_poly_seq_scheme.pdb_seq_num 
_pdbx_poly_seq_scheme.auth_seq_num 
_pdbx_poly_seq_scheme.pdb_mon_id 
_pdbx_poly_seq_scheme.auth_mon_id 
_pdbx_poly_seq_scheme.pdb_strand_id 
_pdbx_poly_seq_scheme.pdb_ins_code 
_pdbx_poly_seq_scheme.hetero 
A 1 1  ASP 1  1  1  ASP ASP A . n 
A 1 2  HIS 2  2  2  HIS HIS A . n 
A 1 3  TYR 3  3  3  TYR TYR A . n 
A 1 4  ASN 4  4  4  ASN ASN A . n 
A 1 5  CYS 5  5  5  CYS CYS A . n 
A 1 6  VAL 6  6  6  VAL VAL A . n 
A 1 7  SER 7  7  7  SER SER A . n 
A 1 8  SER 8  8  8  SER SER A . n 
A 1 9  GLY 9  9  9  GLY GLY A . n 
A 1 10 GLY 10 10 10 GLY GLY A . n 
A 1 11 GLN 11 11 11 GLN GLN A . n 
A 1 12 CYS 12 12 12 CYS CYS A . n 
A 1 13 LEU 13 13 13 LEU LEU A . n 
A 1 14 TYR 14 14 14 TYR TYR A . n 
A 1 15 SER 15 15 15 SER SER A . n 
A 1 16 ALA 16 16 16 ALA ALA A . n 
A 1 17 CYS 17 17 17 CYS CYS A . n 
A 1 18 PRO 18 18 18 PRO PRO A . n 
A 1 19 ILE 19 19 19 ILE ILE A . n 
A 1 20 PHE 20 20 20 PHE PHE A . n 
A 1 21 THR 21 21 21 THR THR A . n 
A 1 22 LYS 22 22 22 LYS LYS A . n 
A 1 23 ILE 23 23 23 ILE ILE A . n 
A 1 24 GLN 24 24 24 GLN GLN A . n 
A 1 25 GLY 25 25 25 GLY GLY A . n 
A 1 26 THR 26 26 26 THR THR A . n 
A 1 27 CYS 27 27 27 CYS CYS A . n 
A 1 28 TYR 28 28 28 TYR TYR A . n 
A 1 29 ARG 29 29 29 ARG ARG A . n 
A 1 30 GLY 30 30 30 GLY GLY A . n 
A 1 31 GLU 31 31 31 GLU GLU A . n 
A 1 32 ALA 32 32 32 ALA ALA A . n 
A 1 33 LYS 33 33 33 LYS LYS A . n 
A 1 34 CYS 34 34 34 CYS CYS A . n 
A 1 35 CYS 35 35 35 CYS CYS A . n 
A 1 36 LYS 36 36 36 LYS LYS A . n 
# 
loop_
_pdbx_nonpoly_scheme.asym_id 
_pdbx_nonpoly_scheme.entity_id 
_pdbx_nonpoly_scheme.mon_id 
_pdbx_nonpoly_scheme.ndb_seq_num 
_pdbx_nonpoly_scheme.pdb_seq_num 
_pdbx_nonpoly_scheme.auth_seq_num 
_pdbx_nonpoly_scheme.pdb_mon_id 
_pdbx_nonpoly_scheme.auth_mon_id 
_pdbx_nonpoly_scheme.pdb_strand_id 
_pdbx_nonpoly_scheme.pdb_ins_code 
B 2 HOH 1  101 101 HOH HOH A . 
B 2 HOH 2  102 102 HOH HOH A . 
B 2 HOH 3  103 103 HOH HOH A . 
B 2 HOH 4  104 104 HOH HOH A . 
B 2 HOH 5  105 105 HOH HOH A . 
B 2 HOH 6  106 106 HOH HOH A . 
B 2 HOH 7  107 107 HOH HOH A . 
B 2 HOH 8  108 108 HOH HOH A . 
B 2 HOH 9  109 109 HOH HOH A . 
B 2 HOH 10 110 110 HOH HOH A . 
B 2 HOH 11 111 111 HOH HOH A . 
B 2 HOH 12 112 112 HOH HOH A . 
B 2 HOH 13 113 113 HOH HOH A . 
B 2 HOH 14 114 114 HOH HOH A . 
B 2 HOH 15 115 115 HOH HOH A . 
B 2 HOH 16 116 116 HOH HOH A . 
B 2 HOH 17 117 117 HOH HOH A . 
B 2 HOH 18 118 118 HOH HOH A . 
B 2 HOH 19 119 119 HOH HOH A . 
B 2 HOH 20 120 120 HOH HOH A . 
B 2 HOH 21 121 121 HOH HOH A . 
B 2 HOH 22 122 122 HOH HOH A . 
B 2 HOH 23 123 123 HOH HOH A . 
B 2 HOH 24 124 124 HOH HOH A . 
B 2 HOH 25 125 125 HOH HOH A . 
B 2 HOH 26 126 126 HOH HOH A . 
B 2 HOH 27 127 127 HOH HOH A . 
B 2 HOH 28 128 128 HOH HOH A . 
B 2 HOH 29 129 129 HOH HOH A . 
B 2 HOH 30 130 130 HOH HOH A . 
B 2 HOH 31 131 131 HOH HOH A . 
B 2 HOH 32 132 132 HOH HOH A . 
B 2 HOH 33 133 133 HOH HOH A . 
B 2 HOH 34 134 134 HOH HOH A . 
B 2 HOH 35 135 135 HOH HOH A . 
B 2 HOH 36 136 136 HOH HOH A . 
B 2 HOH 37 137 137 HOH HOH A . 
B 2 HOH 38 138 138 HOH HOH A . 
B 2 HOH 39 139 139 HOH HOH A . 
B 2 HOH 40 140 140 HOH HOH A . 
B 2 HOH 41 141 141 HOH HOH A . 
B 2 HOH 42 142 142 HOH HOH A . 
B 2 HOH 43 143 143 HOH HOH A . 
B 2 HOH 44 144 144 HOH HOH A . 
B 2 HOH 45 145 145 HOH HOH A . 
B 2 HOH 46 146 146 HOH HOH A . 
B 2 HOH 47 147 147 HOH HOH A . 
B 2 HOH 48 148 148 HOH HOH A . 
B 2 HOH 49 149 149 HOH HOH A . 
B 2 HOH 50 150 150 HOH HOH A . 
B 2 HOH 51 151 151 HOH HOH A . 
B 2 HOH 52 152 152 HOH HOH A . 
B 2 HOH 53 153 153 HOH HOH A . 
B 2 HOH 54 154 154 HOH HOH A . 
B 2 HOH 55 156 156 HOH HOH A . 
B 2 HOH 56 157 157 HOH HOH A . 
B 2 HOH 57 158 158 HOH HOH A . 
B 2 HOH 58 159 159 HOH HOH A . 
B 2 HOH 59 160 160 HOH HOH A . 
B 2 HOH 60 161 161 HOH HOH A . 
B 2 HOH 61 162 162 HOH HOH A . 
B 2 HOH 62 163 163 HOH HOH A . 
B 2 HOH 63 164 164 HOH HOH A . 
B 2 HOH 64 165 165 HOH HOH A . 
B 2 HOH 65 166 166 HOH HOH A . 
B 2 HOH 66 167 167 HOH HOH A . 
B 2 HOH 67 168 168 HOH HOH A . 
B 2 HOH 68 169 169 HOH HOH A . 
B 2 HOH 69 170 170 HOH HOH A . 
B 2 HOH 70 171 171 HOH HOH A . 
B 2 HOH 71 172 172 HOH HOH A . 
B 2 HOH 72 173 173 HOH HOH A . 
B 2 HOH 73 174 174 HOH HOH A . 
B 2 HOH 74 175 175 HOH HOH A . 
B 2 HOH 75 176 176 HOH HOH A . 
B 2 HOH 76 177 177 HOH HOH A . 
B 2 HOH 77 179 179 HOH HOH A . 
B 2 HOH 78 180 180 HOH HOH A . 
B 2 HOH 79 181 181 HOH HOH A . 
B 2 HOH 80 182 182 HOH HOH A . 
B 2 HOH 81 183 183 HOH HOH A . 
B 2 HOH 82 185 185 HOH HOH A . 
B 2 HOH 83 187 187 HOH HOH A . 
B 2 HOH 84 188 188 HOH HOH A . 
B 2 HOH 85 189 189 HOH HOH A . 
B 2 HOH 86 190 190 HOH HOH A . 
B 2 HOH 87 191 191 HOH HOH A . 
# 
loop_
_software.name 
_software.version 
_software.date 
_software.type 
_software.contact_author 
_software.contact_author_email 
_software.classification 
_software.location 
_software.language 
_software.citation_id 
_software.pdbx_ordinal 
DENZO       .     ?               package 'Zbyszek Otwinowski' zbyszek@mix.swmed.edu    'data reduction'  
http://www.lnls.br/infra/linhasluz/denzo-hkl.htm ?       ? 1 
SCALEPACK   .     ?               package 'Zbyszek Otwinowski' zbyszek@mix.swmed.edu    'data scaling'    
http://www.lnls.br/infra/linhasluz/denzo-hkl.htm ?       ? 2 
REFMAC      .     ?               program 'Murshudov, G.N.'    ccp4@dl.ac.uk            refinement        
http://www.ccp4.ac.uk/main.html                  Fortran ? 3 
PDB_EXTRACT 1.401 'March 3, 2004' program H.Yang               sw-help@rcsb.rutgers.edu 'data extraction' 
http://pdb.rutgers.edu/software/                 C/C++   ? 4 
HKL-2000    .     ?               ?       ?                    ?                        'data collection' ? ?       ? 5 
HKL-2000    .     ?               ?       ?                    ?                        'data reduction'  ? ?       ? 6 
AMoRE       .     ?               ?       ?                    ?                        phasing           ? ?       ? 7 
# 
_cell.entry_id           2NLS 
_cell.length_a           18.810 
_cell.length_b           20.320 
_cell.length_c           75.120 
_cell.angle_alpha        90.00 
_cell.angle_beta         90.00 
_cell.angle_gamma        90.00 
_cell.Z_PDB              4 
_cell.pdbx_unique_axis   ? 
_cell.length_a_esd       ? 
_cell.length_b_esd       ? 
_cell.length_c_esd       ? 
_cell.angle_alpha_esd    ? 
_cell.angle_beta_esd     ? 
_cell.angle_gamma_esd    ? 
# 
_symmetry.entry_id                         2NLS 
_symmetry.space_group_name_H-M             'P 21 21 21' 
_symmetry.pdbx_full_space_group_name_H-M   ? 
_symmetry.cell_setting                     ? 
_symmetry.Int_Tables_number                19 
_symmetry.space_group_name_Hall            ? 
# 
_exptl.crystals_number   1 
_exptl.method            'X-RAY DIFFRACTION' 
_exptl.entry_id          2NLS 
# 
_exptl_crystal.id                    1 
_exptl_crystal.density_percent_sol   32.46 
_exptl_crystal.density_Matthews      1.82 
_exptl_crystal.density_meas          ? 
_exptl_crystal.description           ? 
_exptl_crystal.F_000                 ? 
_exptl_crystal.preparation           ? 
# 
_exptl_crystal_grow.crystal_id      1 
_exptl_crystal_grow.method          'VAPOR DIFFUSION' 
_exptl_crystal_grow.pH              7.5 
_exptl_crystal_grow.temp            293 
_exptl_crystal_grow.pdbx_details    'ISO-PROPANOL, SODIUM CITRATE, HEPES-NA, pH 7.5, vapor diffusion, temperature 293K' 
_exptl_crystal_grow.temp_details    ? 
_exptl_crystal_grow.pdbx_pH_range   . 
# 
_diffrn.id                     1 
_diffrn.ambient_temp           100 
_diffrn.ambient_temp_details   ? 
_diffrn.crystal_id             1 
# 
_diffrn_detector.diffrn_id              1 
_diffrn_detector.detector               CCD 
_diffrn_detector.type                   'MARMOSAIC 300 mm CCD' 
_diffrn_detector.pdbx_collection_date   2005-04-12 
_diffrn_detector.details                ? 
# 
_diffrn_radiation.diffrn_id                        1 
_diffrn_radiation.pdbx_diffrn_protocol             'SINGLE WAVELENGTH' 
_diffrn_radiation.wavelength_id                    1 
_diffrn_radiation.monochromator                    'Si crystal' 
_diffrn_radiation.pdbx_monochromatic_or_laue_m_l   M 
_diffrn_radiation.pdbx_scattering_type             x-ray 
# 
_diffrn_radiation_wavelength.id           1 
_diffrn_radiation_wavelength.wavelength   0.97947 
_diffrn_radiation_wavelength.wt           1.0 
# 
_diffrn_source.diffrn_id                   1 
_diffrn_source.source                      SYNCHROTRON 
_diffrn_source.type                        'APS BEAMLINE 22-BM' 
_diffrn_source.pdbx_wavelength_list        0.97947 
_diffrn_source.pdbx_wavelength             ? 
_diffrn_source.pdbx_synchrotron_site       APS 
_diffrn_source.pdbx_synchrotron_beamline   22-BM 
# 
_reflns.d_resolution_low             30.00 
_reflns.d_resolution_high            0.98 
_reflns.number_obs                   16514 
_reflns.percent_possible_obs         95.2 
_reflns.pdbx_Rmerge_I_obs            0.072 
_reflns.pdbx_redundancy              6.10 
_reflns.pdbx_chi_squared             1.000 
_reflns.entry_id                     2NLS 
_reflns.observed_criterion_sigma_F   ? 
_reflns.observed_criterion_sigma_I   -3 
_reflns.number_all                   16514 
_reflns.pdbx_Rsym_value              ? 
_reflns.pdbx_netI_over_sigmaI        27 
_reflns.B_iso_Wilson_estimate        ? 
_reflns.R_free_details               ? 
_reflns.limit_h_max                  ? 
_reflns.limit_h_min                  ? 
_reflns.limit_k_max                  ? 
_reflns.limit_k_min                  ? 
_reflns.limit_l_max                  ? 
_reflns.limit_l_min                  ? 
_reflns.observed_criterion_F_max     ? 
_reflns.observed_criterion_F_min     ? 
_reflns.pdbx_scaling_rejects         ? 
_reflns.pdbx_diffrn_id               1 
_reflns.pdbx_ordinal                 1 
# 
loop_
_reflns_shell.d_res_low 
_reflns_shell.d_res_high 
_reflns_shell.number_unique_all 
_reflns_shell.percent_possible_all 
_reflns_shell.Rmerge_I_obs 
_reflns_shell.pdbx_redundancy 
_reflns_shell.pdbx_chi_squared 
_reflns_shell.number_unique_obs 
_reflns_shell.meanI_over_sigI_obs 
_reflns_shell.pdbx_Rsym_value 
_reflns_shell.percent_possible_obs 
_reflns_shell.number_measured_all 
_reflns_shell.number_measured_obs 
_reflns_shell.pdbx_diffrn_id 
_reflns_shell.pdbx_ordinal 
1.02  0.98 1180 69.5  0.209 2.7 1.008 ? ? ? ? ? ? ? 1  
1.06  1.02 1449 86.2  0.182 4.1 1.006 ? ? ? ? ? ? ? 2  
1.10  1.06 1678 98.5  0.153 6.1 1.005 ? ? ? ? ? ? ? 3  
1.16  1.10 1679 99.4  0.121 6.5 0.999 ? ? ? ? ? ? ? 4  
1.23  1.16 1702 99.3  0.105 6.6 0.997 ? ? ? ? ? ? ? 5  
1.33  1.23 1722 99.9  0.095 6.6 0.996 ? ? ? ? ? ? ? 6  
1.46  1.33 1728 100.0 0.084 6.7 1.000 ? ? ? ? ? ? ? 7  
1.68  1.46 1725 99.9  0.088 6.8 1.001 ? ? ? ? ? ? ? 8  
2.11  1.68 1782 100.0 0.081 6.9 0.999 ? ? ? ? ? ? ? 9  
30.00 2.11 1869 98.7  0.055 6.4 1.001 ? ? ? ? ? ? ? 10 
# 
_refine.ls_d_res_high                            0.980 
_refine.ls_d_res_low                             30.000 
_refine.pdbx_ls_sigma_F                          ? 
_refine.ls_percent_reflns_obs                    95.180 
_refine.ls_number_reflns_obs                     16460 
_refine.pdbx_ls_cross_valid_method               THROUGHOUT 
_refine.pdbx_R_Free_selection_details            RANDOM 
_refine.ls_R_factor_all                          0.106 
_refine.ls_R_factor_R_work                       0.105 
_refine.ls_R_factor_R_free                       0.124 
_refine.ls_percent_reflns_R_free                 5.000 
_refine.ls_number_reflns_R_free                  829 
_refine.B_iso_mean                               6.976 
_refine.aniso_B[1][1]                            0.170 
_refine.aniso_B[2][2]                            0.100 
_refine.aniso_B[3][3]                            -0.260 
_refine.aniso_B[1][2]                            0.000 
_refine.aniso_B[1][3]                            0.000 
_refine.aniso_B[2][3]                            0.000 
_refine.correlation_coeff_Fo_to_Fc               0.982 
_refine.correlation_coeff_Fo_to_Fc_free          0.976 
_refine.overall_SU_R_Cruickshank_DPI             0.018 
_refine.pdbx_overall_ESU_R_Free                  0.019 
_refine.overall_SU_ML                            0.010 
_refine.overall_SU_B                             0.369 
_refine.solvent_model_details                    MASK 
_refine.pdbx_solvent_vdw_probe_radii             1.200 
_refine.pdbx_solvent_ion_probe_radii             0.800 
_refine.pdbx_solvent_shrinkage_radii             0.800 
_refine.entry_id                                 2NLS 
_refine.pdbx_ls_sigma_I                          ? 
_refine.ls_number_reflns_all                     16460 
_refine.ls_R_factor_obs                          0.106 
_refine.ls_redundancy_reflns_obs                 ? 
_refine.pdbx_data_cutoff_high_absF               ? 
_refine.pdbx_data_cutoff_low_absF                ? 
_refine.ls_number_parameters                     ? 
_refine.ls_number_restraints                     ? 
_refine.ls_R_factor_R_free_error                 ? 
_refine.ls_R_factor_R_free_error_details         ? 
_refine.pdbx_method_to_determine_struct          'MOLECULAR REPLACEMENT' 
_refine.pdbx_starting_model                      'PDB entry 1IJV' 
_refine.pdbx_stereochem_target_val_spec_case     ? 
_refine.pdbx_stereochemistry_target_values       'Engh & Huber' 
_refine.solvent_model_param_bsol                 ? 
_refine.solvent_model_param_ksol                 ? 
_refine.occupancy_max                            ? 
_refine.occupancy_min                            ? 
_refine.pdbx_isotropic_thermal_model             ? 
_refine.details                                  ? 
_refine.B_iso_min                                ? 
_refine.B_iso_max                                ? 
_refine.overall_SU_R_free                        ? 
_refine.pdbx_data_cutoff_high_rms_absF           ? 
_refine.pdbx_overall_ESU_R                       ? 
_refine.ls_wR_factor_R_free                      ? 
_refine.ls_wR_factor_R_work                      ? 
_refine.overall_FOM_free_R_set                   ? 
_refine.overall_FOM_work_R_set                   ? 
_refine.pdbx_refine_id                           'X-RAY DIFFRACTION' 
_refine.pdbx_diffrn_id                           1 
_refine.pdbx_TLS_residual_ADP_flag               ? 
_refine.pdbx_overall_phase_error                 ? 
_refine.pdbx_overall_SU_R_free_Cruickshank_DPI   ? 
_refine.pdbx_overall_SU_R_Blow_DPI               ? 
_refine.pdbx_overall_SU_R_free_Blow_DPI          ? 
# 
_refine_hist.pdbx_refine_id                   'X-RAY DIFFRACTION' 
_refine_hist.cycle_id                         LAST 
_refine_hist.pdbx_number_atoms_protein        273 
_refine_hist.pdbx_number_atoms_nucleic_acid   0 
_refine_hist.pdbx_number_atoms_ligand         0 
_refine_hist.number_atoms_solvent             91 
_refine_hist.number_atoms_total               364 
_refine_hist.d_res_high                       0.980 
_refine_hist.d_res_low                        30.000 
# 
loop_
_refine_ls_restr.type 
_refine_ls_restr.number 
_refine_ls_restr.dev_ideal 
_refine_ls_restr.weight 
_refine_ls_restr.dev_ideal_target 
_refine_ls_restr.pdbx_refine_id 
_refine_ls_restr.pdbx_restraint_function 
r_bond_refined_d                        281 0.019  0.022  ? 'X-RAY DIFFRACTION' ? 
r_bond_other_d                          231 0.001  0.020  ? 'X-RAY DIFFRACTION' ? 
r_angle_refined_deg                     379 1.821  1.951  ? 'X-RAY DIFFRACTION' ? 
r_angle_other_deg                       547 1.031  3.000  ? 'X-RAY DIFFRACTION' ? 
r_dihedral_angle_1_deg                  35  6.829  5.000  ? 'X-RAY DIFFRACTION' ? 
r_dihedral_angle_2_deg                  11  30.156 23.636 ? 'X-RAY DIFFRACTION' ? 
r_dihedral_angle_3_deg                  47  11.908 15.000 ? 'X-RAY DIFFRACTION' ? 
r_dihedral_angle_4_deg                  1   10.516 15.000 ? 'X-RAY DIFFRACTION' ? 
r_chiral_restr                          39  0.177  0.200  ? 'X-RAY DIFFRACTION' ? 
r_gen_planes_refined                    312 0.012  0.020  ? 'X-RAY DIFFRACTION' ? 
r_gen_planes_other                      57  0.001  0.020  ? 'X-RAY DIFFRACTION' ? 
r_nbd_refined                           54  0.220  0.200  ? 'X-RAY DIFFRACTION' ? 
r_nbd_other                             195 0.180  0.200  ? 'X-RAY DIFFRACTION' ? 
r_nbtor_refined                         135 0.184  0.200  ? 'X-RAY DIFFRACTION' ? 
r_nbtor_other                           162 0.080  0.200  ? 'X-RAY DIFFRACTION' ? 
r_xyhbond_nbd_refined                   56  0.165  0.200  ? 'X-RAY DIFFRACTION' ? 
r_symmetry_vdw_refined                  1   0.087  0.200  ? 'X-RAY DIFFRACTION' ? 
r_symmetry_vdw_other                    29  0.214  0.200  ? 'X-RAY DIFFRACTION' ? 
r_symmetry_hbond_refined                35  0.203  0.200  ? 'X-RAY DIFFRACTION' ? 
r_mcbond_it                             230 1.899  1.500  ? 'X-RAY DIFFRACTION' ? 
'MAIN-CHAIN BOND OTHER ATOMS    (A**2)' 77  0.699  1.500  ? 'X-RAY DIFFRACTION' ? 
r_mcangle_it                            284 2.213  2.000  ? 'X-RAY DIFFRACTION' ? 
r_scbond_it                             137 3.158  3.000  ? 'X-RAY DIFFRACTION' ? 
r_scangle_it                            95  3.860  4.500  ? 'X-RAY DIFFRACTION' ? 
'RIGID-BOND RESTRAINTS          (A**2)' 654 1.420  3.000  ? 'X-RAY DIFFRACTION' ? 
'SPHERICITY; FREE ATOMS         (A**2)' 91  ?      8.899  ? 'X-RAY DIFFRACTION' ? 
'SPHERICITY; BONDED ATOMS       (A**2)' 504 ?      3.060  ? 'X-RAY DIFFRACTION' ? 
# 
_refine_ls_shell.d_res_high                       0.980 
_refine_ls_shell.d_res_low                        1.006 
_refine_ls_shell.pdbx_total_number_of_bins_used   20 
_refine_ls_shell.percent_reflns_obs               66.290 
_refine_ls_shell.number_reflns_R_work             777 
_refine_ls_shell.R_factor_R_work                  0.186 
_refine_ls_shell.R_factor_R_free                  0.184 
_refine_ls_shell.percent_reflns_R_free            ? 
_refine_ls_shell.number_reflns_R_free             47 
_refine_ls_shell.R_factor_R_free_error            ? 
_refine_ls_shell.number_reflns_obs                824 
_refine_ls_shell.redundancy_reflns_obs            ? 
_refine_ls_shell.number_reflns_all                ? 
_refine_ls_shell.R_factor_all                     ? 
_refine_ls_shell.pdbx_refine_id                   'X-RAY DIFFRACTION' 
# 
_struct.entry_id                  2NLS 
_struct.title                     'Human beta-defensin-1 (Mutant Gln24Ala)' 
_struct.pdbx_model_details        ? 
_struct.pdbx_CASP_flag            ? 
_struct.pdbx_model_type_details   ? 
# 
_struct_keywords.text            'antimicrobial, chemotactic, defensin, mutant, ANTIMICROBIAL PROTEIN' 
_struct_keywords.entry_id        2NLS 
_struct_keywords.pdbx_keywords   'ANTIMICROBIAL PROTEIN' 
# 
loop_
_struct_asym.id 
_struct_asym.pdbx_blank_PDB_chainid_flag 
_struct_asym.pdbx_modified 
_struct_asym.entity_id 
_struct_asym.details 
A N N 1 ? 
B N N 2 ? 
# 
_struct_ref.id                         1 
_struct_ref.db_name                    UNP 
_struct_ref.db_code                    BD01_HUMAN 
_struct_ref.pdbx_db_accession          P60022 
_struct_ref.entity_id                  1 
_struct_ref.pdbx_seq_one_letter_code   DHYNCVSSGGQCLYSACPIFTKIQGTCYRGKAKCCK 
_struct_ref.pdbx_align_begin           33 
_struct_ref.pdbx_db_isoform            ? 
# 
_struct_ref_seq.align_id                      1 
_struct_ref_seq.ref_id                        1 
_struct_ref_seq.pdbx_PDB_id_code              2NLS 
_struct_ref_seq.pdbx_strand_id                A 
_struct_ref_seq.seq_align_beg                 1 
_struct_ref_seq.pdbx_seq_align_beg_ins_code   ? 
_struct_ref_seq.seq_align_end                 36 
_struct_ref_seq.pdbx_seq_align_end_ins_code   ? 
_struct_ref_seq.pdbx_db_accession             P60022 
_struct_ref_seq.db_align_beg                  33 
_struct_ref_seq.pdbx_db_align_beg_ins_code    ? 
_struct_ref_seq.db_align_end                  68 
_struct_ref_seq.pdbx_db_align_end_ins_code    ? 
_struct_ref_seq.pdbx_auth_seq_align_beg       1 
_struct_ref_seq.pdbx_auth_seq_align_end       36 
# 
_struct_ref_seq_dif.align_id                     1 
_struct_ref_seq_dif.pdbx_pdb_id_code             2NLS 
_struct_ref_seq_dif.mon_id                       GLU 
_struct_ref_seq_dif.pdbx_pdb_strand_id           A 
_struct_ref_seq_dif.seq_num                      31 
_struct_ref_seq_dif.pdbx_pdb_ins_code            ? 
_struct_ref_seq_dif.pdbx_seq_db_name             UNP 
_struct_ref_seq_dif.pdbx_seq_db_accession_code   P60022 
_struct_ref_seq_dif.db_mon_id                    LYS 
_struct_ref_seq_dif.pdbx_seq_db_seq_num          63 
_struct_ref_seq_dif.details                      'engineered mutation' 
_struct_ref_seq_dif.pdbx_auth_seq_num            31 
_struct_ref_seq_dif.pdbx_ordinal                 1 
# 
_pdbx_struct_assembly.id                   1 
_pdbx_struct_assembly.details              author_defined_assembly 
_pdbx_struct_assembly.method_details       ? 
_pdbx_struct_assembly.oligomeric_details   monomeric 
_pdbx_struct_assembly.oligomeric_count     1 
# 
_pdbx_struct_assembly_gen.assembly_id       1 
_pdbx_struct_assembly_gen.oper_expression   1 
_pdbx_struct_assembly_gen.asym_id_list      A,B 
# 
_pdbx_struct_oper_list.id                   1 
_pdbx_struct_oper_list.type                 'identity operation' 
_pdbx_struct_oper_list.name                 1_555 
_pdbx_struct_oper_list.symmetry_operation   x,y,z 
_pdbx_struct_oper_list.matrix[1][1]         1.0000000000 
_pdbx_struct_oper_list.matrix[1][2]         0.0000000000 
_pdbx_struct_oper_list.matrix[1][3]         0.0000000000 
_pdbx_struct_oper_list.vector[1]            0.0000000000 
_pdbx_struct_oper_list.matrix[2][1]         0.0000000000 
_pdbx_struct_oper_list.matrix[2][2]         1.0000000000 
_pdbx_struct_oper_list.matrix[2][3]         0.0000000000 
_pdbx_struct_oper_list.vector[2]            0.0000000000 
_pdbx_struct_oper_list.matrix[3][1]         0.0000000000 
_pdbx_struct_oper_list.matrix[3][2]         0.0000000000 
_pdbx_struct_oper_list.matrix[3][3]         1.0000000000 
_pdbx_struct_oper_list.vector[3]            0.0000000000 
# 
_struct_biol.id                    1 
_struct_biol.details               'Biological assembly is a monomer' 
_struct_biol.pdbx_parent_biol_id   ? 
# 
_struct_conf.conf_type_id            HELX_P 
_struct_conf.id                      HELX_P1 
_struct_conf.pdbx_PDB_helix_id       1 
_struct_conf.beg_label_comp_id       ASP 
_struct_conf.beg_label_asym_id       A 
_struct_conf.beg_label_seq_id        1 
_struct_conf.pdbx_beg_PDB_ins_code   ? 
_struct_conf.end_label_comp_id       GLY 
_struct_conf.end_label_asym_id       A 
_struct_conf.end_label_seq_id        9 
_struct_conf.pdbx_end_PDB_ins_code   ? 
_struct_conf.beg_auth_comp_id        ASP 
_struct_conf.beg_auth_asym_id        A 
_struct_conf.beg_auth_seq_id         1 
_struct_conf.end_auth_comp_id        GLY 
_struct_conf.end_auth_asym_id        A 
_struct_conf.end_auth_seq_id         9 
_struct_conf.pdbx_PDB_helix_class    1 
_struct_conf.details                 ? 
_struct_conf.pdbx_PDB_helix_length   9 
# 
_struct_conf_type.id          HELX_P 
_struct_conf_type.criteria    ? 
_struct_conf_type.reference   ? 
# 
loop_
_struct_conn.id 
_struct_conn.conn_type_id 
_struct_conn.pdbx_leaving_atom_flag 
_struct_conn.pdbx_PDB_id 
_struct_conn.ptnr1_label_asym_id 
_struct_conn.ptnr1_label_comp_id 
_struct_conn.ptnr1_label_seq_id 
_struct_conn.ptnr1_label_atom_id 
_struct_conn.pdbx_ptnr1_label_alt_id 
_struct_conn.pdbx_ptnr1_PDB_ins_code 
_struct_conn.pdbx_ptnr1_standard_comp_id 
_struct_conn.ptnr1_symmetry 
_struct_conn.ptnr2_label_asym_id 
_struct_conn.ptnr2_label_comp_id 
_struct_conn.ptnr2_label_seq_id 
_struct_conn.ptnr2_label_atom_id 
_struct_conn.pdbx_ptnr2_label_alt_id 
_struct_conn.pdbx_ptnr2_PDB_ins_code 
_struct_conn.ptnr1_auth_asym_id 
_struct_conn.ptnr1_auth_comp_id 
_struct_conn.ptnr1_auth_seq_id 
_struct_conn.ptnr2_auth_asym_id 
_struct_conn.ptnr2_auth_comp_id 
_struct_conn.ptnr2_auth_seq_id 
_struct_conn.ptnr2_symmetry 
_struct_conn.pdbx_ptnr3_label_atom_id 
_struct_conn.pdbx_ptnr3_label_seq_id 
_struct_conn.pdbx_ptnr3_label_comp_id 
_struct_conn.pdbx_ptnr3_label_asym_id 
_struct_conn.pdbx_ptnr3_label_alt_id 
_struct_conn.pdbx_ptnr3_PDB_ins_code 
_struct_conn.details 
_struct_conn.pdbx_dist_value 
_struct_conn.pdbx_value_order 
_struct_conn.pdbx_role 
disulf1 disulf ? ? A CYS 5  SG ? ? ? 1_555 A CYS 34 SG ? ? A CYS 5  A CYS 34 1_555 ? ? ? ? ? ? ? 2.075 ? ? 
disulf2 disulf ? ? A CYS 12 SG ? ? ? 1_555 A CYS 27 SG ? ? A CYS 12 A CYS 27 1_555 ? ? ? ? ? ? ? 2.048 ? ? 
disulf3 disulf ? ? A CYS 17 SG ? ? ? 1_555 A CYS 35 SG ? ? A CYS 17 A CYS 35 1_555 ? ? ? ? ? ? ? 2.028 ? ? 
# 
_struct_conn_type.id          disulf 
_struct_conn_type.criteria    ? 
_struct_conn_type.reference   ? 
# 
loop_
_pdbx_modification_feature.ordinal 
_pdbx_modification_feature.label_comp_id 
_pdbx_modification_feature.label_asym_id 
_pdbx_modification_feature.label_seq_id 
_pdbx_modification_feature.label_alt_id 
_pdbx_modification_feature.modified_residue_label_comp_id 
_pdbx_modification_feature.modified_residue_label_asym_id 
_pdbx_modification_feature.modified_residue_label_seq_id 
_pdbx_modification_feature.modified_residue_label_alt_id 
_pdbx_modification_feature.auth_comp_id 
_pdbx_modification_feature.auth_asym_id 
_pdbx_modification_feature.auth_seq_id 
_pdbx_modification_feature.PDB_ins_code 
_pdbx_modification_feature.symmetry 
_pdbx_modification_feature.modified_residue_auth_comp_id 
_pdbx_modification_feature.modified_residue_auth_asym_id 
_pdbx_modification_feature.modified_residue_auth_seq_id 
_pdbx_modification_feature.modified_residue_PDB_ins_code 
_pdbx_modification_feature.modified_residue_symmetry 
_pdbx_modification_feature.comp_id_linking_atom 
_pdbx_modification_feature.modified_residue_id_linking_atom 
_pdbx_modification_feature.modified_residue_id 
_pdbx_modification_feature.ref_pcm_id 
_pdbx_modification_feature.ref_comp_id 
_pdbx_modification_feature.type 
_pdbx_modification_feature.category 
1 CYS A 5  ? CYS A 34 ? CYS A 5  ? 1_555 CYS A 34 ? 1_555 SG SG . . . None 'Disulfide bridge' 
2 CYS A 12 ? CYS A 27 ? CYS A 12 ? 1_555 CYS A 27 ? 1_555 SG SG . . . None 'Disulfide bridge' 
3 CYS A 17 ? CYS A 35 ? CYS A 17 ? 1_555 CYS A 35 ? 1_555 SG SG . . . None 'Disulfide bridge' 
# 
_struct_sheet.id               A 
_struct_sheet.type             ? 
_struct_sheet.number_strands   3 
_struct_sheet.details          ? 
# 
loop_
_struct_sheet_order.sheet_id 
_struct_sheet_order.range_id_1 
_struct_sheet_order.range_id_2 
_struct_sheet_order.offset 
_struct_sheet_order.sense 
A 1 2 ? anti-parallel 
A 2 3 ? anti-parallel 
# 
loop_
_struct_sheet_range.sheet_id 
_struct_sheet_range.id 
_struct_sheet_range.beg_label_comp_id 
_struct_sheet_range.beg_label_asym_id 
_struct_sheet_range.beg_label_seq_id 
_struct_sheet_range.pdbx_beg_PDB_ins_code 
_struct_sheet_range.end_label_comp_id 
_struct_sheet_range.end_label_asym_id 
_struct_sheet_range.end_label_seq_id 
_struct_sheet_range.pdbx_end_PDB_ins_code 
_struct_sheet_range.beg_auth_comp_id 
_struct_sheet_range.beg_auth_asym_id 
_struct_sheet_range.beg_auth_seq_id 
_struct_sheet_range.end_auth_comp_id 
_struct_sheet_range.end_auth_asym_id 
_struct_sheet_range.end_auth_seq_id 
A 1 GLN A 11 ? LEU A 13 ? GLN A 11 LEU A 13 
A 2 ALA A 32 ? CYS A 35 ? ALA A 32 CYS A 35 
A 3 ILE A 23 ? CYS A 27 ? ILE A 23 CYS A 27 
# 
loop_
_pdbx_struct_sheet_hbond.sheet_id 
_pdbx_struct_sheet_hbond.range_id_1 
_pdbx_struct_sheet_hbond.range_id_2 
_pdbx_struct_sheet_hbond.range_1_label_atom_id 
_pdbx_struct_sheet_hbond.range_1_label_comp_id 
_pdbx_struct_sheet_hbond.range_1_label_asym_id 
_pdbx_struct_sheet_hbond.range_1_label_seq_id 
_pdbx_struct_sheet_hbond.range_1_PDB_ins_code 
_pdbx_struct_sheet_hbond.range_1_auth_atom_id 
_pdbx_struct_sheet_hbond.range_1_auth_comp_id 
_pdbx_struct_sheet_hbond.range_1_auth_asym_id 
_pdbx_struct_sheet_hbond.range_1_auth_seq_id 
_pdbx_struct_sheet_hbond.range_2_label_atom_id 
_pdbx_struct_sheet_hbond.range_2_label_comp_id 
_pdbx_struct_sheet_hbond.range_2_label_asym_id 
_pdbx_struct_sheet_hbond.range_2_label_seq_id 
_pdbx_struct_sheet_hbond.range_2_PDB_ins_code 
_pdbx_struct_sheet_hbond.range_2_auth_atom_id 
_pdbx_struct_sheet_hbond.range_2_auth_comp_id 
_pdbx_struct_sheet_hbond.range_2_auth_asym_id 
_pdbx_struct_sheet_hbond.range_2_auth_seq_id 
A 1 2 N LEU A 13 ? N LEU A 13 O LYS A 33 ? O LYS A 33 
A 2 3 O CYS A 34 ? O CYS A 34 N GLN A 24 ? N GLN A 24 
# 
_pdbx_entry_details.entry_id                   2NLS 
_pdbx_entry_details.compound_details           ? 
_pdbx_entry_details.source_details             ? 
_pdbx_entry_details.nonpolymer_details         ? 
_pdbx_entry_details.sequence_details           ? 
_pdbx_entry_details.has_ligand_of_interest     ? 
_pdbx_entry_details.has_protein_modification   Y 
# 
loop_
_chem_comp_atom.comp_id 
_chem_comp_atom.atom_id 
_chem_comp_atom.type_symbol 
_chem_comp_atom.pdbx_aromatic_flag 
_chem_comp_atom.pdbx_stereo_config 
_chem_comp_atom.pdbx_ordinal 
ALA N    N N N 1   
ALA CA   C N S 2   
ALA C    C N N 3   
ALA O    O N N 4   
ALA CB   C N N 5   
ALA OXT  O N N 6   
ALA H    H N N 7   
ALA H2   H N N 8   
ALA HA   H N N 9   
ALA HB1  H N N 10  
ALA HB2  H N N 11  
ALA HB3  H N N 12  
ALA HXT  H N N 13  
ARG N    N N N 14  
ARG CA   C N S 15  
ARG C    C N N 16  
ARG O    O N N 17  
ARG CB   C N N 18  
ARG CG   C N N 19  
ARG CD   C N N 20  
ARG NE   N N N 21  
ARG CZ   C N N 22  
ARG NH1  N N N 23  
ARG NH2  N N N 24  
ARG OXT  O N N 25  
ARG H    H N N 26  
ARG H2   H N N 27  
ARG HA   H N N 28  
ARG HB2  H N N 29  
ARG HB3  H N N 30  
ARG HG2  H N N 31  
ARG HG3  H N N 32  
ARG HD2  H N N 33  
ARG HD3  H N N 34  
ARG HE   H N N 35  
ARG HH11 H N N 36  
ARG HH12 H N N 37  
ARG HH21 H N N 38  
ARG HH22 H N N 39  
ARG HXT  H N N 40  
ASN N    N N N 41  
ASN CA   C N S 42  
ASN C    C N N 43  
ASN O    O N N 44  
ASN CB   C N N 45  
ASN CG   C N N 46  
ASN OD1  O N N 47  
ASN ND2  N N N 48  
ASN OXT  O N N 49  
ASN H    H N N 50  
ASN H2   H N N 51  
ASN HA   H N N 52  
ASN HB2  H N N 53  
ASN HB3  H N N 54  
ASN HD21 H N N 55  
ASN HD22 H N N 56  
ASN HXT  H N N 57  
ASP N    N N N 58  
ASP CA   C N S 59  
ASP C    C N N 60  
ASP O    O N N 61  
ASP CB   C N N 62  
ASP CG   C N N 63  
ASP OD1  O N N 64  
ASP OD2  O N N 65  
ASP OXT  O N N 66  
ASP H    H N N 67  
ASP H2   H N N 68  
ASP HA   H N N 69  
ASP HB2  H N N 70  
ASP HB3  H N N 71  
ASP HD2  H N N 72  
ASP HXT  H N N 73  
CYS N    N N N 74  
CYS CA   C N R 75  
CYS C    C N N 76  
CYS O    O N N 77  
CYS CB   C N N 78  
CYS SG   S N N 79  
CYS OXT  O N N 80  
CYS H    H N N 81  
CYS H2   H N N 82  
CYS HA   H N N 83  
CYS HB2  H N N 84  
CYS HB3  H N N 85  
CYS HG   H N N 86  
CYS HXT  H N N 87  
GLN N    N N N 88  
GLN CA   C N S 89  
GLN C    C N N 90  
GLN O    O N N 91  
GLN CB   C N N 92  
GLN CG   C N N 93  
GLN CD   C N N 94  
GLN OE1  O N N 95  
GLN NE2  N N N 96  
GLN OXT  O N N 97  
GLN H    H N N 98  
GLN H2   H N N 99  
GLN HA   H N N 100 
GLN HB2  H N N 101 
GLN HB3  H N N 102 
GLN HG2  H N N 103 
GLN HG3  H N N 104 
GLN HE21 H N N 105 
GLN HE22 H N N 106 
GLN HXT  H N N 107 
GLU N    N N N 108 
GLU CA   C N S 109 
GLU C    C N N 110 
GLU O    O N N 111 
GLU CB   C N N 112 
GLU CG   C N N 113 
GLU CD   C N N 114 
GLU OE1  O N N 115 
GLU OE2  O N N 116 
GLU OXT  O N N 117 
GLU H    H N N 118 
GLU H2   H N N 119 
GLU HA   H N N 120 
GLU HB2  H N N 121 
GLU HB3  H N N 122 
GLU HG2  H N N 123 
GLU HG3  H N N 124 
GLU HE2  H N N 125 
GLU HXT  H N N 126 
GLY N    N N N 127 
GLY CA   C N N 128 
GLY C    C N N 129 
GLY O    O N N 130 
GLY OXT  O N N 131 
GLY H    H N N 132 
GLY H2   H N N 133 
GLY HA2  H N N 134 
GLY HA3  H N N 135 
GLY HXT  H N N 136 
HIS N    N N N 137 
HIS CA   C N S 138 
HIS C    C N N 139 
HIS O    O N N 140 
HIS CB   C N N 141 
HIS CG   C Y N 142 
HIS ND1  N Y N 143 
HIS CD2  C Y N 144 
HIS CE1  C Y N 145 
HIS NE2  N Y N 146 
HIS OXT  O N N 147 
HIS H    H N N 148 
HIS H2   H N N 149 
HIS HA   H N N 150 
HIS HB2  H N N 151 
HIS HB3  H N N 152 
HIS HD1  H N N 153 
HIS HD2  H N N 154 
HIS HE1  H N N 155 
HIS HE2  H N N 156 
HIS HXT  H N N 157 
HOH O    O N N 158 
HOH H1   H N N 159 
HOH H2   H N N 160 
ILE N    N N N 161 
ILE CA   C N S 162 
ILE C    C N N 163 
ILE O    O N N 164 
ILE CB   C N S 165 
ILE CG1  C N N 166 
ILE CG2  C N N 167 
ILE CD1  C N N 168 
ILE OXT  O N N 169 
ILE H    H N N 170 
ILE H2   H N N 171 
ILE HA   H N N 172 
ILE HB   H N N 173 
ILE HG12 H N N 174 
ILE HG13 H N N 175 
ILE HG21 H N N 176 
ILE HG22 H N N 177 
ILE HG23 H N N 178 
ILE HD11 H N N 179 
ILE HD12 H N N 180 
ILE HD13 H N N 181 
ILE HXT  H N N 182 
LEU N    N N N 183 
LEU CA   C N S 184 
LEU C    C N N 185 
LEU O    O N N 186 
LEU CB   C N N 187 
LEU CG   C N N 188 
LEU CD1  C N N 189 
LEU CD2  C N N 190 
LEU OXT  O N N 191 
LEU H    H N N 192 
LEU H2   H N N 193 
LEU HA   H N N 194 
LEU HB2  H N N 195 
LEU HB3  H N N 196 
LEU HG   H N N 197 
LEU HD11 H N N 198 
LEU HD12 H N N 199 
LEU HD13 H N N 200 
LEU HD21 H N N 201 
LEU HD22 H N N 202 
LEU HD23 H N N 203 
LEU HXT  H N N 204 
LYS N    N N N 205 
LYS CA   C N S 206 
LYS C    C N N 207 
LYS O    O N N 208 
LYS CB   C N N 209 
LYS CG   C N N 210 
LYS CD   C N N 211 
LYS CE   C N N 212 
LYS NZ   N N N 213 
LYS OXT  O N N 214 
LYS H    H N N 215 
LYS H2   H N N 216 
LYS HA   H N N 217 
LYS HB2  H N N 218 
LYS HB3  H N N 219 
LYS HG2  H N N 220 
LYS HG3  H N N 221 
LYS HD2  H N N 222 
LYS HD3  H N N 223 
LYS HE2  H N N 224 
LYS HE3  H N N 225 
LYS HZ1  H N N 226 
LYS HZ2  H N N 227 
LYS HZ3  H N N 228 
LYS HXT  H N N 229 
PHE N    N N N 230 
PHE CA   C N S 231 
PHE C    C N N 232 
PHE O    O N N 233 
PHE CB   C N N 234 
PHE CG   C Y N 235 
PHE CD1  C Y N 236 
PHE CD2  C Y N 237 
PHE CE1  C Y N 238 
PHE CE2  C Y N 239 
PHE CZ   C Y N 240 
PHE OXT  O N N 241 
PHE H    H N N 242 
PHE H2   H N N 243 
PHE HA   H N N 244 
PHE HB2  H N N 245 
PHE HB3  H N N 246 
PHE HD1  H N N 247 
PHE HD2  H N N 248 
PHE HE1  H N N 249 
PHE HE2  H N N 250 
PHE HZ   H N N 251 
PHE HXT  H N N 252 
PRO N    N N N 253 
PRO CA   C N S 254 
PRO C    C N N 255 
PRO O    O N N 256 
PRO CB   C N N 257 
PRO CG   C N N 258 
PRO CD   C N N 259 
PRO OXT  O N N 260 
PRO H    H N N 261 
PRO HA   H N N 262 
PRO HB2  H N N 263 
PRO HB3  H N N 264 
PRO HG2  H N N 265 
PRO HG3  H N N 266 
PRO HD2  H N N 267 
PRO HD3  H N N 268 
PRO HXT  H N N 269 
SER N    N N N 270 
SER CA   C N S 271 
SER C    C N N 272 
SER O    O N N 273 
SER CB   C N N 274 
SER OG   O N N 275 
SER OXT  O N N 276 
SER H    H N N 277 
SER H2   H N N 278 
SER HA   H N N 279 
SER HB2  H N N 280 
SER HB3  H N N 281 
SER HG   H N N 282 
SER HXT  H N N 283 
THR N    N N N 284 
THR CA   C N S 285 
THR C    C N N 286 
THR O    O N N 287 
THR CB   C N R 288 
THR OG1  O N N 289 
THR CG2  C N N 290 
THR OXT  O N N 291 
THR H    H N N 292 
THR H2   H N N 293 
THR HA   H N N 294 
THR HB   H N N 295 
THR HG1  H N N 296 
THR HG21 H N N 297 
THR HG22 H N N 298 
THR HG23 H N N 299 
THR HXT  H N N 300 
TYR N    N N N 301 
TYR CA   C N S 302 
TYR C    C N N 303 
TYR O    O N N 304 
TYR CB   C N N 305 
TYR CG   C Y N 306 
TYR CD1  C Y N 307 
TYR CD2  C Y N 308 
TYR CE1  C Y N 309 
TYR CE2  C Y N 310 
TYR CZ   C Y N 311 
TYR OH   O N N 312 
TYR OXT  O N N 313 
TYR H    H N N 314 
TYR H2   H N N 315 
TYR HA   H N N 316 
TYR HB2  H N N 317 
TYR HB3  H N N 318 
TYR HD1  H N N 319 
TYR HD2  H N N 320 
TYR HE1  H N N 321 
TYR HE2  H N N 322 
TYR HH   H N N 323 
TYR HXT  H N N 324 
VAL N    N N N 325 
VAL CA   C N S 326 
VAL C    C N N 327 
VAL O    O N N 328 
VAL CB   C N N 329 
VAL CG1  C N N 330 
VAL CG2  C N N 331 
VAL OXT  O N N 332 
VAL H    H N N 333 
VAL H2   H N N 334 
VAL HA   H N N 335 
VAL HB   H N N 336 
VAL HG11 H N N 337 
VAL HG12 H N N 338 
VAL HG13 H N N 339 
VAL HG21 H N N 340 
VAL HG22 H N N 341 
VAL HG23 H N N 342 
VAL HXT  H N N 343 
# 
loop_
_chem_comp_bond.comp_id 
_chem_comp_bond.atom_id_1 
_chem_comp_bond.atom_id_2 
_chem_comp_bond.value_order 
_chem_comp_bond.pdbx_aromatic_flag 
_chem_comp_bond.pdbx_stereo_config 
_chem_comp_bond.pdbx_ordinal 
ALA N   CA   sing N N 1   
ALA N   H    sing N N 2   
ALA N   H2   sing N N 3   
ALA CA  C    sing N N 4   
ALA CA  CB   sing N N 5   
ALA CA  HA   sing N N 6   
ALA C   O    doub N N 7   
ALA C   OXT  sing N N 8   
ALA CB  HB1  sing N N 9   
ALA CB  HB2  sing N N 10  
ALA CB  HB3  sing N N 11  
ALA OXT HXT  sing N N 12  
ARG N   CA   sing N N 13  
ARG N   H    sing N N 14  
ARG N   H2   sing N N 15  
ARG CA  C    sing N N 16  
ARG CA  CB   sing N N 17  
ARG CA  HA   sing N N 18  
ARG C   O    doub N N 19  
ARG C   OXT  sing N N 20  
ARG CB  CG   sing N N 21  
ARG CB  HB2  sing N N 22  
ARG CB  HB3  sing N N 23  
ARG CG  CD   sing N N 24  
ARG CG  HG2  sing N N 25  
ARG CG  HG3  sing N N 26  
ARG CD  NE   sing N N 27  
ARG CD  HD2  sing N N 28  
ARG CD  HD3  sing N N 29  
ARG NE  CZ   sing N N 30  
ARG NE  HE   sing N N 31  
ARG CZ  NH1  sing N N 32  
ARG CZ  NH2  doub N N 33  
ARG NH1 HH11 sing N N 34  
ARG NH1 HH12 sing N N 35  
ARG NH2 HH21 sing N N 36  
ARG NH2 HH22 sing N N 37  
ARG OXT HXT  sing N N 38  
ASN N   CA   sing N N 39  
ASN N   H    sing N N 40  
ASN N   H2   sing N N 41  
ASN CA  C    sing N N 42  
ASN CA  CB   sing N N 43  
ASN CA  HA   sing N N 44  
ASN C   O    doub N N 45  
ASN C   OXT  sing N N 46  
ASN CB  CG   sing N N 47  
ASN CB  HB2  sing N N 48  
ASN CB  HB3  sing N N 49  
ASN CG  OD1  doub N N 50  
ASN CG  ND2  sing N N 51  
ASN ND2 HD21 sing N N 52  
ASN ND2 HD22 sing N N 53  
ASN OXT HXT  sing N N 54  
ASP N   CA   sing N N 55  
ASP N   H    sing N N 56  
ASP N   H2   sing N N 57  
ASP CA  C    sing N N 58  
ASP CA  CB   sing N N 59  
ASP CA  HA   sing N N 60  
ASP C   O    doub N N 61  
ASP C   OXT  sing N N 62  
ASP CB  CG   sing N N 63  
ASP CB  HB2  sing N N 64  
ASP CB  HB3  sing N N 65  
ASP CG  OD1  doub N N 66  
ASP CG  OD2  sing N N 67  
ASP OD2 HD2  sing N N 68  
ASP OXT HXT  sing N N 69  
CYS N   CA   sing N N 70  
CYS N   H    sing N N 71  
CYS N   H2   sing N N 72  
CYS CA  C    sing N N 73  
CYS CA  CB   sing N N 74  
CYS CA  HA   sing N N 75  
CYS C   O    doub N N 76  
CYS C   OXT  sing N N 77  
CYS CB  SG   sing N N 78  
CYS CB  HB2  sing N N 79  
CYS CB  HB3  sing N N 80  
CYS SG  HG   sing N N 81  
CYS OXT HXT  sing N N 82  
GLN N   CA   sing N N 83  
GLN N   H    sing N N 84  
GLN N   H2   sing N N 85  
GLN CA  C    sing N N 86  
GLN CA  CB   sing N N 87  
GLN CA  HA   sing N N 88  
GLN C   O    doub N N 89  
GLN C   OXT  sing N N 90  
GLN CB  CG   sing N N 91  
GLN CB  HB2  sing N N 92  
GLN CB  HB3  sing N N 93  
GLN CG  CD   sing N N 94  
GLN CG  HG2  sing N N 95  
GLN CG  HG3  sing N N 96  
GLN CD  OE1  doub N N 97  
GLN CD  NE2  sing N N 98  
GLN NE2 HE21 sing N N 99  
GLN NE2 HE22 sing N N 100 
GLN OXT HXT  sing N N 101 
GLU N   CA   sing N N 102 
GLU N   H    sing N N 103 
GLU N   H2   sing N N 104 
GLU CA  C    sing N N 105 
GLU CA  CB   sing N N 106 
GLU CA  HA   sing N N 107 
GLU C   O    doub N N 108 
GLU C   OXT  sing N N 109 
GLU CB  CG   sing N N 110 
GLU CB  HB2  sing N N 111 
GLU CB  HB3  sing N N 112 
GLU CG  CD   sing N N 113 
GLU CG  HG2  sing N N 114 
GLU CG  HG3  sing N N 115 
GLU CD  OE1  doub N N 116 
GLU CD  OE2  sing N N 117 
GLU OE2 HE2  sing N N 118 
GLU OXT HXT  sing N N 119 
GLY N   CA   sing N N 120 
GLY N   H    sing N N 121 
GLY N   H2   sing N N 122 
GLY CA  C    sing N N 123 
GLY CA  HA2  sing N N 124 
GLY CA  HA3  sing N N 125 
GLY C   O    doub N N 126 
GLY C   OXT  sing N N 127 
GLY OXT HXT  sing N N 128 
HIS N   CA   sing N N 129 
HIS N   H    sing N N 130 
HIS N   H2   sing N N 131 
HIS CA  C    sing N N 132 
HIS CA  CB   sing N N 133 
HIS CA  HA   sing N N 134 
HIS C   O    doub N N 135 
HIS C   OXT  sing N N 136 
HIS CB  CG   sing N N 137 
HIS CB  HB2  sing N N 138 
HIS CB  HB3  sing N N 139 
HIS CG  ND1  sing Y N 140 
HIS CG  CD2  doub Y N 141 
HIS ND1 CE1  doub Y N 142 
HIS ND1 HD1  sing N N 143 
HIS CD2 NE2  sing Y N 144 
HIS CD2 HD2  sing N N 145 
HIS CE1 NE2  sing Y N 146 
HIS CE1 HE1  sing N N 147 
HIS NE2 HE2  sing N N 148 
HIS OXT HXT  sing N N 149 
HOH O   H1   sing N N 150 
HOH O   H2   sing N N 151 
ILE N   CA   sing N N 152 
ILE N   H    sing N N 153 
ILE N   H2   sing N N 154 
ILE CA  C    sing N N 155 
ILE CA  CB   sing N N 156 
ILE CA  HA   sing N N 157 
ILE C   O    doub N N 158 
ILE C   OXT  sing N N 159 
ILE CB  CG1  sing N N 160 
ILE CB  CG2  sing N N 161 
ILE CB  HB   sing N N 162 
ILE CG1 CD1  sing N N 163 
ILE CG1 HG12 sing N N 164 
ILE CG1 HG13 sing N N 165 
ILE CG2 HG21 sing N N 166 
ILE CG2 HG22 sing N N 167 
ILE CG2 HG23 sing N N 168 
ILE CD1 HD11 sing N N 169 
ILE CD1 HD12 sing N N 170 
ILE CD1 HD13 sing N N 171 
ILE OXT HXT  sing N N 172 
LEU N   CA   sing N N 173 
LEU N   H    sing N N 174 
LEU N   H2   sing N N 175 
LEU CA  C    sing N N 176 
LEU CA  CB   sing N N 177 
LEU CA  HA   sing N N 178 
LEU C   O    doub N N 179 
LEU C   OXT  sing N N 180 
LEU CB  CG   sing N N 181 
LEU CB  HB2  sing N N 182 
LEU CB  HB3  sing N N 183 
LEU CG  CD1  sing N N 184 
LEU CG  CD2  sing N N 185 
LEU CG  HG   sing N N 186 
LEU CD1 HD11 sing N N 187 
LEU CD1 HD12 sing N N 188 
LEU CD1 HD13 sing N N 189 
LEU CD2 HD21 sing N N 190 
LEU CD2 HD22 sing N N 191 
LEU CD2 HD23 sing N N 192 
LEU OXT HXT  sing N N 193 
LYS N   CA   sing N N 194 
LYS N   H    sing N N 195 
LYS N   H2   sing N N 196 
LYS CA  C    sing N N 197 
LYS CA  CB   sing N N 198 
LYS CA  HA   sing N N 199 
LYS C   O    doub N N 200 
LYS C   OXT  sing N N 201 
LYS CB  CG   sing N N 202 
LYS CB  HB2  sing N N 203 
LYS CB  HB3  sing N N 204 
LYS CG  CD   sing N N 205 
LYS CG  HG2  sing N N 206 
LYS CG  HG3  sing N N 207 
LYS CD  CE   sing N N 208 
LYS CD  HD2  sing N N 209 
LYS CD  HD3  sing N N 210 
LYS CE  NZ   sing N N 211 
LYS CE  HE2  sing N N 212 
LYS CE  HE3  sing N N 213 
LYS NZ  HZ1  sing N N 214 
LYS NZ  HZ2  sing N N 215 
LYS NZ  HZ3  sing N N 216 
LYS OXT HXT  sing N N 217 
PHE N   CA   sing N N 218 
PHE N   H    sing N N 219 
PHE N   H2   sing N N 220 
PHE CA  C    sing N N 221 
PHE CA  CB   sing N N 222 
PHE CA  HA   sing N N 223 
PHE C   O    doub N N 224 
PHE C   OXT  sing N N 225 
PHE CB  CG   sing N N 226 
PHE CB  HB2  sing N N 227 
PHE CB  HB3  sing N N 228 
PHE CG  CD1  doub Y N 229 
PHE CG  CD2  sing Y N 230 
PHE CD1 CE1  sing Y N 231 
PHE CD1 HD1  sing N N 232 
PHE CD2 CE2  doub Y N 233 
PHE CD2 HD2  sing N N 234 
PHE CE1 CZ   doub Y N 235 
PHE CE1 HE1  sing N N 236 
PHE CE2 CZ   sing Y N 237 
PHE CE2 HE2  sing N N 238 
PHE CZ  HZ   sing N N 239 
PHE OXT HXT  sing N N 240 
PRO N   CA   sing N N 241 
PRO N   CD   sing N N 242 
PRO N   H    sing N N 243 
PRO CA  C    sing N N 244 
PRO CA  CB   sing N N 245 
PRO CA  HA   sing N N 246 
PRO C   O    doub N N 247 
PRO C   OXT  sing N N 248 
PRO CB  CG   sing N N 249 
PRO CB  HB2  sing N N 250 
PRO CB  HB3  sing N N 251 
PRO CG  CD   sing N N 252 
PRO CG  HG2  sing N N 253 
PRO CG  HG3  sing N N 254 
PRO CD  HD2  sing N N 255 
PRO CD  HD3  sing N N 256 
PRO OXT HXT  sing N N 257 
SER N   CA   sing N N 258 
SER N   H    sing N N 259 
SER N   H2   sing N N 260 
SER CA  C    sing N N 261 
SER CA  CB   sing N N 262 
SER CA  HA   sing N N 263 
SER C   O    doub N N 264 
SER C   OXT  sing N N 265 
SER CB  OG   sing N N 266 
SER CB  HB2  sing N N 267 
SER CB  HB3  sing N N 268 
SER OG  HG   sing N N 269 
SER OXT HXT  sing N N 270 
THR N   CA   sing N N 271 
THR N   H    sing N N 272 
THR N   H2   sing N N 273 
THR CA  C    sing N N 274 
THR CA  CB   sing N N 275 
THR CA  HA   sing N N 276 
THR C   O    doub N N 277 
THR C   OXT  sing N N 278 
THR CB  OG1  sing N N 279 
THR CB  CG2  sing N N 280 
THR CB  HB   sing N N 281 
THR OG1 HG1  sing N N 282 
THR CG2 HG21 sing N N 283 
THR CG2 HG22 sing N N 284 
THR CG2 HG23 sing N N 285 
THR OXT HXT  sing N N 286 
TYR N   CA   sing N N 287 
TYR N   H    sing N N 288 
TYR N   H2   sing N N 289 
TYR CA  C    sing N N 290 
TYR CA  CB   sing N N 291 
TYR CA  HA   sing N N 292 
TYR C   O    doub N N 293 
TYR C   OXT  sing N N 294 
TYR CB  CG   sing N N 295 
TYR CB  HB2  sing N N 296 
TYR CB  HB3  sing N N 297 
TYR CG  CD1  doub Y N 298 
TYR CG  CD2  sing Y N 299 
TYR CD1 CE1  sing Y N 300 
TYR CD1 HD1  sing N N 301 
TYR CD2 CE2  doub Y N 302 
TYR CD2 HD2  sing N N 303 
TYR CE1 CZ   doub Y N 304 
TYR CE1 HE1  sing N N 305 
TYR CE2 CZ   sing Y N 306 
TYR CE2 HE2  sing N N 307 
TYR CZ  OH   sing N N 308 
TYR OH  HH   sing N N 309 
TYR OXT HXT  sing N N 310 
VAL N   CA   sing N N 311 
VAL N   H    sing N N 312 
VAL N   H2   sing N N 313 
VAL CA  C    sing N N 314 
VAL CA  CB   sing N N 315 
VAL CA  HA   sing N N 316 
VAL C   O    doub N N 317 
VAL C   OXT  sing N N 318 
VAL CB  CG1  sing N N 319 
VAL CB  CG2  sing N N 320 
VAL CB  HB   sing N N 321 
VAL CG1 HG11 sing N N 322 
VAL CG1 HG12 sing N N 323 
VAL CG1 HG13 sing N N 324 
VAL CG2 HG21 sing N N 325 
VAL CG2 HG22 sing N N 326 
VAL CG2 HG23 sing N N 327 
VAL OXT HXT  sing N N 328 
# 
_pdbx_initial_refinement_model.id               1 
_pdbx_initial_refinement_model.entity_id_list   ? 
_pdbx_initial_refinement_model.type             'experimental model' 
_pdbx_initial_refinement_model.source_name      PDB 
_pdbx_initial_refinement_model.accession_code   1IJV 
_pdbx_initial_refinement_model.details          'PDB entry 1IJV' 
# 
_atom_sites.entry_id                    2NLS 
_atom_sites.fract_transf_matrix[1][1]   -0.02520729 
_atom_sites.fract_transf_matrix[1][2]   -0.00156891 
_atom_sites.fract_transf_matrix[1][3]   -0.04678072 
_atom_sites.fract_transf_matrix[2][1]   -0.02923896 
_atom_sites.fract_transf_matrix[2][2]   -0.03577064 
_atom_sites.fract_transf_matrix[2][3]   0.01695476 
_atom_sites.fract_transf_matrix[3][1]   -0.00864962 
_atom_sites.fract_transf_matrix[3][2]   0.00913414 
_atom_sites.fract_transf_matrix[3][3]   0.00435442 
_atom_sites.fract_transf_vector[1]      0.239551 
_atom_sites.fract_transf_vector[2]      0.192111 
_atom_sites.fract_transf_vector[3]      0.356646 
# 
loop_
_atom_type.symbol 
C 
N 
O 
S 
# 
loop_
_atom_site.group_PDB 
_atom_site.id 
_atom_site.type_symbol 
_atom_site.label_atom_id 
_atom_site.label_alt_id 
_atom_site.label_comp_id 
_atom_site.label_asym_id 
_atom_site.label_entity_id 
_atom_site.label_seq_id 
_atom_site.pdbx_PDB_ins_code 
_atom_site.Cartn_x 
_atom_site.Cartn_y 
_atom_site.Cartn_z 
_atom_site.occupancy 
_atom_site.B_iso_or_equiv 
_atom_site.pdbx_formal_charge 
_atom_site.auth_seq_id 
_atom_site.auth_comp_id 
_atom_site.auth_asym_id 
_atom_site.auth_atom_id 
_atom_site.pdbx_PDB_model_num 
ATOM   1   N N   . ASP A 1 1  ? 7.095   -2.251  -2.160  1.00 6.72  ? 1   ASP A N   1 
ATOM   2   C CA  . ASP A 1 1  ? 6.873   -3.674  -1.757  1.00 5.65  ? 1   ASP A CA  1 
ATOM   3   C C   . ASP A 1 1  ? 6.383   -3.674  -0.298  1.00 4.70  ? 1   ASP A C   1 
ATOM   4   O O   . ASP A 1 1  ? 6.242   -2.613  0.324   1.00 4.98  ? 1   ASP A O   1 
ATOM   5   C CB  . ASP A 1 1  ? 8.153   -4.491  -1.990  1.00 6.10  ? 1   ASP A CB  1 
ATOM   6   C CG  . ASP A 1 1  ? 9.274   -4.111  -1.066  1.00 6.26  ? 1   ASP A CG  1 
ATOM   7   O OD1 . ASP A 1 1  ? 9.214   -3.024  -0.436  1.00 6.86  ? 1   ASP A OD1 1 
ATOM   8   O OD2 . ASP A 1 1  ? 10.271  -4.881  -1.136  1.00 9.06  ? 1   ASP A OD2 1 
ATOM   9   N N   . HIS A 1 2  ? 6.157   -4.863  0.243   1.00 4.74  ? 2   HIS A N   1 
ATOM   10  C CA  . HIS A 1 2  ? 5.691   -4.977  1.616   1.00 4.66  ? 2   HIS A CA  1 
ATOM   11  C C   . HIS A 1 2  ? 6.613   -4.267  2.609   1.00 4.06  ? 2   HIS A C   1 
ATOM   12  O O   . HIS A 1 2  ? 6.141   -3.502  3.463   1.00 4.40  ? 2   HIS A O   1 
ATOM   13  C CB  . HIS A 1 2  ? 5.575   -6.474  1.958   1.00 5.88  ? 2   HIS A CB  1 
ATOM   14  C CG  . HIS A 1 2  ? 5.476   -6.789  3.388   1.00 7.13  ? 2   HIS A CG  1 
ATOM   15  N ND1 . HIS A 1 2  ? 4.423   -6.490  4.215   1.00 9.40  ? 2   HIS A ND1 1 
ATOM   16  C CD2 . HIS A 1 2  ? 6.407   -7.411  4.154   1.00 8.97  ? 2   HIS A CD2 1 
ATOM   17  C CE1 . HIS A 1 2  ? 4.727   -6.936  5.458   1.00 8.17  ? 2   HIS A CE1 1 
ATOM   18  N NE2 . HIS A 1 2  ? 5.926   -7.496  5.425   1.00 11.16 ? 2   HIS A NE2 1 
ATOM   19  N N   . TYR A 1 3  ? 7.925   -4.563  2.569   1.00 3.95  ? 3   TYR A N   1 
ATOM   20  C CA  . TYR A 1 3  ? 8.794   -3.991  3.593   1.00 3.74  ? 3   TYR A CA  1 
ATOM   21  C C   . TYR A 1 3  ? 8.879   -2.466  3.497   1.00 3.99  ? 3   TYR A C   1 
ATOM   22  O O   . TYR A 1 3  ? 8.958   -1.781  4.532   1.00 4.34  ? 3   TYR A O   1 
ATOM   23  C CB  . TYR A 1 3  ? 10.179  -4.639  3.582   1.00 3.93  ? 3   TYR A CB  1 
ATOM   24  C CG  . TYR A 1 3  ? 10.147  -6.072  4.033   1.00 4.40  ? 3   TYR A CG  1 
ATOM   25  C CD1 . TYR A 1 3  ? 10.515  -7.116  3.220   1.00 7.28  ? 3   TYR A CD1 1 
ATOM   26  C CD2 . TYR A 1 3  ? 9.786   -6.377  5.332   1.00 4.78  ? 3   TYR A CD2 1 
ATOM   27  C CE1 . TYR A 1 3  ? 10.449  -8.435  3.684   1.00 7.46  ? 3   TYR A CE1 1 
ATOM   28  C CE2 . TYR A 1 3  ? 9.683   -7.699  5.774   1.00 5.29  ? 3   TYR A CE2 1 
ATOM   29  C CZ  . TYR A 1 3  ? 9.994   -8.705  4.932   1.00 6.35  ? 3   TYR A CZ  1 
ATOM   30  O OH  . TYR A 1 3  ? 9.937   -10.025 5.354   1.00 8.04  ? 3   TYR A OH  1 
ATOM   31  N N   . ASN A 1 4  ? 8.865   -1.928  2.264   1.00 3.92  ? 4   ASN A N   1 
ATOM   32  C CA  . ASN A 1 4  ? 8.863   -0.467  2.151   1.00 4.63  ? 4   ASN A CA  1 
ATOM   33  C C   . ASN A 1 4  ? 7.547   0.102   2.670   1.00 4.26  ? 4   ASN A C   1 
ATOM   34  O O   . ASN A 1 4  ? 7.532   1.187   3.269   1.00 5.42  ? 4   ASN A O   1 
ATOM   35  C CB  . ASN A 1 4  ? 9.107   -0.049  0.711   1.00 5.42  ? 4   ASN A CB  1 
ATOM   36  C CG  . ASN A 1 4  ? 9.602   1.343   0.625   1.00 8.20  ? 4   ASN A CG  1 
ATOM   37  O OD1 . ASN A 1 4  ? 10.571  1.689   1.299   1.00 10.99 ? 4   ASN A OD1 1 
ATOM   38  N ND2 . ASN A 1 4  ? 8.942   2.173   -0.172  1.00 14.33 ? 4   ASN A ND2 1 
ATOM   39  N N   . CYS A 1 5  ? 6.434   -0.590  2.410   1.00 4.56  ? 5   CYS A N   1 
ATOM   40  C CA  . CYS A 1 5  ? 5.124   -0.137  2.892   1.00 4.48  ? 5   CYS A CA  1 
ATOM   41  C C   . CYS A 1 5  ? 5.122   -0.059  4.438   1.00 4.42  ? 5   CYS A C   1 
ATOM   42  O O   . CYS A 1 5  ? 4.718   0.950   5.045   1.00 5.57  ? 5   CYS A O   1 
ATOM   43  C CB  . CYS A 1 5  ? 4.017   -1.014  2.329   1.00 4.96  ? 5   CYS A CB  1 
ATOM   44  S SG  . CYS A 1 5  ? 2.395   -0.259  2.453   1.00 5.42  ? 5   CYS A SG  1 
ATOM   45  N N   . VAL A 1 6  ? 5.572   -1.150  5.074   1.00 4.42  ? 6   VAL A N   1 
ATOM   46  C CA  . VAL A 1 6  ? 5.637   -1.182  6.550   1.00 4.87  ? 6   VAL A CA  1 
ATOM   47  C C   . VAL A 1 6  ? 6.421   0.031   7.046   1.00 4.72  ? 6   VAL A C   1 
ATOM   48  O O   . VAL A 1 6  ? 5.973   0.799   7.918   1.00 5.45  ? 6   VAL A O   1 
ATOM   49  C CB  . VAL A 1 6  ? 6.247   -2.502  7.064   1.00 5.25  ? 6   VAL A CB  1 
ATOM   50  C CG1 . VAL A 1 6  ? 6.515   -2.409  8.595   1.00 5.84  ? 6   VAL A CG1 1 
ATOM   51  C CG2 . VAL A 1 6  ? 5.328   -3.689  6.732   1.00 6.19  ? 6   VAL A CG2 1 
ATOM   52  N N   . SER A 1 7  ? 7.654   0.165   6.538   1.00 4.58  ? 7   SER A N   1 
ATOM   53  C CA  . SER A 1 7  ? 8.579   1.137   7.122   1.00 5.13  ? 7   SER A CA  1 
ATOM   54  C C   . SER A 1 7  ? 8.194   2.592   6.819   1.00 5.30  ? 7   SER A C   1 
ATOM   55  O O   . SER A 1 7  ? 8.631   3.497   7.538   1.00 6.82  ? 7   SER A O   1 
ATOM   56  C CB  . SER A 1 7  ? 9.999   0.862   6.680   1.00 6.24  ? 7   SER A CB  1 
ATOM   57  O OG  . SER A 1 7  ? 10.206  0.983   5.307   1.00 7.83  ? 7   SER A OG  1 
ATOM   58  N N   . SER A 1 8  ? 7.405   2.807   5.765   1.00 6.03  ? 8   SER A N   1 
ATOM   59  C CA  . SER A 1 8  ? 6.980   4.148   5.368   1.00 7.37  ? 8   SER A CA  1 
ATOM   60  C C   . SER A 1 8  ? 5.637   4.582   6.003   1.00 7.88  ? 8   SER A C   1 
ATOM   61  O O   . SER A 1 8  ? 5.165   5.692   5.732   1.00 10.08 ? 8   SER A O   1 
ATOM   62  C CB  A SER A 1 8  ? 7.008   4.281   3.859   0.50 7.67  ? 8   SER A CB  1 
ATOM   63  C CB  B SER A 1 8  ? 6.748   4.182   3.852   0.50 8.84  ? 8   SER A CB  1 
ATOM   64  O OG  A SER A 1 8  ? 5.983   3.492   3.310   0.50 6.36  ? 8   SER A OG  1 
ATOM   65  O OG  B SER A 1 8  ? 7.899   3.855   3.109   0.50 11.88 ? 8   SER A OG  1 
ATOM   66  N N   . GLY A 1 9  ? 4.982   3.722   6.757   1.00 7.44  ? 9   GLY A N   1 
ATOM   67  C CA  . GLY A 1 9  ? 3.722   4.056   7.370   1.00 8.09  ? 9   GLY A CA  1 
ATOM   68  C C   . GLY A 1 9  ? 2.509   3.818   6.515   1.00 6.76  ? 9   GLY A C   1 
ATOM   69  O O   . GLY A 1 9  ? 1.406   4.282   6.864   1.00 8.12  ? 9   GLY A O   1 
ATOM   70  N N   . GLY A 1 10 ? 2.641   3.054   5.431   1.00 6.31  ? 10  GLY A N   1 
ATOM   71  C CA  . GLY A 1 10 ? 1.478   2.669   4.659   1.00 5.81  ? 10  GLY A CA  1 
ATOM   72  C C   . GLY A 1 10 ? 0.893   1.333   5.076   1.00 5.31  ? 10  GLY A C   1 
ATOM   73  O O   . GLY A 1 10 ? 1.455   0.622   5.909   1.00 5.91  ? 10  GLY A O   1 
ATOM   74  N N   . GLN A 1 11 ? -0.250  1.002   4.458   1.00 5.47  ? 11  GLN A N   1 
ATOM   75  C CA  . GLN A 1 11 ? -0.936  -0.245  4.674   1.00 5.53  ? 11  GLN A CA  1 
ATOM   76  C C   . GLN A 1 11 ? -1.063  -0.977  3.342   1.00 5.03  ? 11  GLN A C   1 
ATOM   77  O O   . GLN A 1 11 ? -1.507  -0.374  2.355   1.00 5.70  ? 11  GLN A O   1 
ATOM   78  C CB  . GLN A 1 11 ? -2.338  0.027   5.247   1.00 6.80  ? 11  GLN A CB  1 
ATOM   79  C CG  . GLN A 1 11 ? -3.094  -1.209  5.611   1.00 7.52  ? 11  GLN A CG  1 
ATOM   80  C CD  . GLN A 1 11 ? -4.460  -0.908  6.219   1.00 9.44  ? 11  GLN A CD  1 
ATOM   81  O OE1 . GLN A 1 11 ? -5.103  0.075   5.854   1.00 12.47 ? 11  GLN A OE1 1 
ATOM   82  N NE2 . GLN A 1 11 ? -4.901  -1.750  7.138   1.00 14.78 ? 11  GLN A NE2 1 
ATOM   83  N N   . CYS A 1 12 ? -0.712  -2.263  3.311   1.00 5.24  ? 12  CYS A N   1 
ATOM   84  C CA  . CYS A 1 12 ? -0.892  -3.065  2.106   1.00 4.88  ? 12  CYS A CA  1 
ATOM   85  C C   . CYS A 1 12 ? -2.349  -3.544  2.048   1.00 5.45  ? 12  CYS A C   1 
ATOM   86  O O   . CYS A 1 12 ? -2.835  -4.194  2.998   1.00 6.56  ? 12  CYS A O   1 
ATOM   87  C CB  . CYS A 1 12 ? 0.011   -4.307  2.131   1.00 5.48  ? 12  CYS A CB  1 
ATOM   88  S SG  . CYS A 1 12 ? 1.787   -3.975  2.089   1.00 5.04  ? 12  CYS A SG  1 
ATOM   89  N N   . LEU A 1 13 ? -3.028  -3.251  0.961   1.00 5.03  ? 13  LEU A N   1 
ATOM   90  C CA  . LEU A 1 13 ? -4.448  -3.573  0.793   1.00 5.14  ? 13  LEU A CA  1 
ATOM   91  C C   . LEU A 1 13 ? -4.687  -4.152  -0.610  1.00 5.26  ? 13  LEU A C   1 
ATOM   92  O O   . LEU A 1 13 ? -4.306  -3.576  -1.638  1.00 5.73  ? 13  LEU A O   1 
ATOM   93  C CB  . LEU A 1 13 ? -5.329  -2.310  0.926   1.00 5.92  ? 13  LEU A CB  1 
ATOM   94  C CG  . LEU A 1 13 ? -5.348  -1.699  2.344   1.00 6.11  ? 13  LEU A CG  1 
ATOM   95  C CD1 . LEU A 1 13 ? -6.071  -0.361  2.291   1.00 7.39  ? 13  LEU A CD1 1 
ATOM   96  C CD2 . LEU A 1 13 ? -5.975  -2.644  3.339   1.00 7.29  ? 13  LEU A CD2 1 
ATOM   97  N N   . TYR A 1 14 ? -5.414  -5.287  -0.648  1.00 5.56  ? 14  TYR A N   1 
ATOM   98  C CA  . TYR A 1 14 ? -5.918  -5.795  -1.918  1.00 5.96  ? 14  TYR A CA  1 
ATOM   99  C C   . TYR A 1 14 ? -7.084  -4.958  -2.390  1.00 7.87  ? 14  TYR A C   1 
ATOM   100 O O   . TYR A 1 14 ? -7.203  -4.720  -3.647  1.00 9.91  ? 14  TYR A O   1 
ATOM   101 C CB  . TYR A 1 14 ? -6.241  -7.301  -1.836  1.00 6.16  ? 14  TYR A CB  1 
ATOM   102 C CG  . TYR A 1 14 ? -5.001  -8.174  -1.760  1.00 4.76  ? 14  TYR A CG  1 
ATOM   103 C CD1 . TYR A 1 14 ? -4.458  -8.553  -0.551  1.00 5.32  ? 14  TYR A CD1 1 
ATOM   104 C CD2 . TYR A 1 14 ? -4.382  -8.605  -2.937  1.00 5.17  ? 14  TYR A CD2 1 
ATOM   105 C CE1 . TYR A 1 14 ? -3.300  -9.310  -0.480  1.00 5.05  ? 14  TYR A CE1 1 
ATOM   106 C CE2 . TYR A 1 14 ? -3.218  -9.366  -2.885  1.00 5.11  ? 14  TYR A CE2 1 
ATOM   107 C CZ  . TYR A 1 14 ? -2.666  -9.710  -1.654  1.00 4.05  ? 14  TYR A CZ  1 
ATOM   108 O OH  . TYR A 1 14 ? -1.513  -10.454 -1.561  1.00 4.75  ? 14  TYR A OH  1 
ATOM   109 N N   . SER A 1 15 ? -7.876  -4.471  -1.404  1.00 7.73  ? 15  SER A N   1 
ATOM   110 C CA  . SER A 1 15 ? -8.986  -3.569  -1.621  1.00 8.15  ? 15  SER A CA  1 
ATOM   111 C C   . SER A 1 15 ? -8.443  -2.176  -1.913  1.00 7.51  ? 15  SER A C   1 
ATOM   112 O O   . SER A 1 15 ? -7.221  -1.935  -1.889  1.00 8.24  ? 15  SER A O   1 
ATOM   113 C CB  . SER A 1 15 ? -9.856  -3.611  -0.389  1.00 9.43  ? 15  SER A CB  1 
ATOM   114 O OG  . SER A 1 15 ? -9.099  -3.320  0.784   1.00 9.89  ? 15  SER A OG  1 
ATOM   115 N N   . ALA A 1 16 ? -9.333  -1.250  -2.185  1.00 7.47  ? 16  ALA A N   1 
ATOM   116 C CA  . ALA A 1 16 ? -8.899  0.043   -2.643  1.00 7.86  ? 16  ALA A CA  1 
ATOM   117 C C   . ALA A 1 16 ? -8.387  0.884   -1.513  1.00 7.21  ? 16  ALA A C   1 
ATOM   118 O O   . ALA A 1 16 ? -8.802  0.778   -0.341  1.00 8.38  ? 16  ALA A O   1 
ATOM   119 C CB  . ALA A 1 16 ? -10.042 0.734   -3.279  1.00 9.55  ? 16  ALA A CB  1 
ATOM   120 N N   . CYS A 1 17 ? -7.497  1.815   -1.813  1.00 6.72  ? 17  CYS A N   1 
ATOM   121 C CA  . CYS A 1 17 ? -7.096  2.779   -0.823  1.00 7.33  ? 17  CYS A CA  1 
ATOM   122 C C   . CYS A 1 17 ? -8.323  3.574   -0.339  1.00 7.04  ? 17  CYS A C   1 
ATOM   123 O O   . CYS A 1 17 ? -9.082  4.076   -1.174  1.00 8.82  ? 17  CYS A O   1 
ATOM   124 C CB  . CYS A 1 17 ? -6.016  3.706   -1.340  1.00 7.30  ? 17  CYS A CB  1 
ATOM   125 S SG  . CYS A 1 17 ? -4.465  2.925   -1.845  1.00 7.61  ? 17  CYS A SG  1 
ATOM   126 N N   . PRO A 1 18 ? -8.479  3.728   0.963   1.00 7.49  ? 18  PRO A N   1 
ATOM   127 C CA  . PRO A 1 18 ? -9.600  4.577   1.459   1.00 8.35  ? 18  PRO A CA  1 
ATOM   128 C C   . PRO A 1 18 ? -9.542  5.944   0.855   1.00 6.84  ? 18  PRO A C   1 
ATOM   129 O O   . PRO A 1 18 ? -8.472  6.466   0.518   1.00 7.45  ? 18  PRO A O   1 
ATOM   130 C CB  . PRO A 1 18 ? -9.371  4.599   2.983   1.00 9.53  ? 18  PRO A CB  1 
ATOM   131 C CG  . PRO A 1 18 ? -8.621  3.295   3.262   1.00 9.92  ? 18  PRO A CG  1 
ATOM   132 C CD  . PRO A 1 18 ? -7.742  3.063   2.061   1.00 7.43  ? 18  PRO A CD  1 
ATOM   133 N N   . ILE A 1 19 ? -10.682 6.596   0.737   1.00 7.81  ? 19  ILE A N   1 
ATOM   134 C CA  . ILE A 1 19 ? -10.751 7.868   -0.096  1.00 9.02  ? 19  ILE A CA  1 
ATOM   135 C C   . ILE A 1 19 ? -9.737  9.011   0.080   1.00 10.12 ? 19  ILE A C   1 
ATOM   136 O O   . ILE A 1 19 ? -9.280  9.661   -0.828  1.00 10.87 ? 19  ILE A O   1 
ATOM   137 C CB  . ILE A 1 19 ? -12.153 8.366   -0.213  1.00 9.37  ? 19  ILE A CB  1 
ATOM   138 C CG1 . ILE A 1 19 ? -12.385 9.340   -1.428  1.00 10.30 ? 19  ILE A CG1 1 
ATOM   139 C CG2 . ILE A 1 19 ? -12.613 8.795   1.060   1.00 11.81 ? 19  ILE A CG2 1 
ATOM   140 C CD1 . ILE A 1 19 ? -13.745 9.614   -1.699  1.00 10.97 ? 19  ILE A CD1 1 
ATOM   141 N N   . PHE A 1 20 ? -9.466  9.303   1.261   1.00 9.92  ? 20  PHE A N   1 
ATOM   142 C CA  . PHE A 1 20 ? -8.523  10.402  1.603   1.00 7.32  ? 20  PHE A CA  1 
ATOM   143 C C   . PHE A 1 20 ? -7.035  9.957   1.493   1.00 8.25  ? 20  PHE A C   1 
ATOM   144 O O   . PHE A 1 20 ? -6.127  10.769  1.722   1.00 11.19 ? 20  PHE A O   1 
ATOM   145 C CB  . PHE A 1 20 ? -8.796  10.890  3.005   1.00 8.01  ? 20  PHE A CB  1 
ATOM   146 C CG  . PHE A 1 20 ? -10.092 11.628  3.188   1.00 7.37  ? 20  PHE A CG  1 
ATOM   147 C CD1 . PHE A 1 20 ? -11.155 11.036  3.859   1.00 7.57  ? 20  PHE A CD1 1 
ATOM   148 C CD2 . PHE A 1 20 ? -10.207 12.952  2.777   1.00 8.63  ? 20  PHE A CD2 1 
ATOM   149 C CE1 . PHE A 1 20 ? -12.331 11.750  4.078   1.00 8.20  ? 20  PHE A CE1 1 
ATOM   150 C CE2 . PHE A 1 20 ? -11.377 13.679  2.997   1.00 8.55  ? 20  PHE A CE2 1 
ATOM   151 C CZ  . PHE A 1 20 ? -12.418 13.081  3.667   1.00 8.57  ? 20  PHE A CZ  1 
ATOM   152 N N   . THR A 1 21 ? -6.784  8.688   1.214   1.00 7.52  ? 21  THR A N   1 
ATOM   153 C CA  . THR A 1 21 ? -5.424  8.156   1.169   1.00 7.29  ? 21  THR A CA  1 
ATOM   154 C C   . THR A 1 21 ? -5.009  7.975   -0.272  1.00 7.34  ? 21  THR A C   1 
ATOM   155 O O   . THR A 1 21 ? -5.838  8.061   -1.195  1.00 8.62  ? 21  THR A O   1 
ATOM   156 C CB  . THR A 1 21 ? -5.305  6.856   1.980   1.00 7.78  ? 21  THR A CB  1 
ATOM   157 O OG1 . THR A 1 21 ? -5.894  5.770   1.280   1.00 8.00  ? 21  THR A OG1 1 
ATOM   158 C CG2 . THR A 1 21 ? -5.867  6.974   3.407   1.00 9.45  ? 21  THR A CG2 1 
ATOM   159 N N   . LYS A 1 22 ? -3.715  7.758   -0.476  1.00 7.09  ? 22  LYS A N   1 
ATOM   160 C CA  . LYS A 1 22 ? -3.152  7.696   -1.826  1.00 7.60  ? 22  LYS A CA  1 
ATOM   161 C C   . LYS A 1 22 ? -2.218  6.479   -1.933  1.00 6.32  ? 22  LYS A C   1 
ATOM   162 O O   . LYS A 1 22 ? -1.604  6.039   -0.973  1.00 6.12  ? 22  LYS A O   1 
ATOM   163 C CB  . LYS A 1 22 ? -2.350  8.966   -2.133  1.00 10.02 ? 22  LYS A CB  1 
ATOM   164 C CG  . LYS A 1 22 ? -3.168  10.238  -2.099  1.00 14.28 ? 22  LYS A CG  1 
ATOM   165 C CD  . LYS A 1 22 ? -2.423  11.474  -2.593  1.00 16.00 ? 22  LYS A CD  1 
ATOM   166 C CE  . LYS A 1 22 ? -1.313  11.929  -1.719  1.00 23.22 ? 22  LYS A CE  1 
ATOM   167 N NZ  . LYS A 1 22 ? -0.799  13.266  -2.261  1.00 26.42 ? 22  LYS A NZ  1 
ATOM   168 N N   . ILE A 1 23 ? -2.094  6.007   -3.173  1.00 5.95  ? 23  ILE A N   1 
ATOM   169 C CA  . ILE A 1 23 ? -1.139  4.939   -3.496  1.00 5.36  ? 23  ILE A CA  1 
ATOM   170 C C   . ILE A 1 23 ? 0.281   5.479   -3.363  1.00 5.37  ? 23  ILE A C   1 
ATOM   171 O O   . ILE A 1 23 ? 0.628   6.524   -3.937  1.00 7.11  ? 23  ILE A O   1 
ATOM   172 C CB  . ILE A 1 23 ? -1.383  4.407   -4.922  1.00 5.62  ? 23  ILE A CB  1 
ATOM   173 C CG1 . ILE A 1 23 ? -2.725  3.723   -4.992  1.00 6.84  ? 23  ILE A CG1 1 
ATOM   174 C CG2 . ILE A 1 23 ? -0.289  3.449   -5.363  1.00 6.38  ? 23  ILE A CG2 1 
ATOM   175 C CD1 . ILE A 1 23 ? -3.214  3.444   -6.400  1.00 8.01  ? 23  ILE A CD1 1 
ATOM   176 N N   . GLN A 1 24 ? 1.108   4.718   -2.635  1.00 5.02  ? 24  GLN A N   1 
ATOM   177 C CA  . GLN A 1 24 ? 2.525   5.016   -2.407  1.00 5.62  ? 24  GLN A CA  1 
ATOM   178 C C   . GLN A 1 24 ? 3.450   4.001   -3.084  1.00 4.83  ? 24  GLN A C   1 
ATOM   179 O O   . GLN A 1 24 ? 4.668   4.145   -3.022  1.00 5.90  ? 24  GLN A O   1 
ATOM   180 C CB  . GLN A 1 24 ? 2.836   4.905   -0.878  1.00 9.10  ? 24  GLN A CB  1 
ATOM   181 C CG  . GLN A 1 24 ? 1.901   5.587   0.031   1.00 10.93 ? 24  GLN A CG  1 
ATOM   182 C CD  . GLN A 1 24 ? 2.005   7.043   -0.152  1.00 11.62 ? 24  GLN A CD  1 
ATOM   183 O OE1 . GLN A 1 24 ? 3.104   7.606   -0.039  1.00 15.71 ? 24  GLN A OE1 1 
ATOM   184 N NE2 . GLN A 1 24 ? 0.865   7.731   -0.227  1.00 12.25 ? 24  GLN A NE2 1 
ATOM   185 N N   . GLY A 1 25 ? 2.896   2.962   -3.655  1.00 4.92  ? 25  GLY A N   1 
ATOM   186 C CA  . GLY A 1 25 ? 3.618   1.786   -4.116  1.00 5.40  ? 25  GLY A CA  1 
ATOM   187 C C   . GLY A 1 25 ? 2.670   0.603   -4.093  1.00 3.97  ? 25  GLY A C   1 
ATOM   188 O O   . GLY A 1 25 ? 1.449   0.780   -3.958  1.00 4.37  ? 25  GLY A O   1 
ATOM   189 N N   . THR A 1 26 ? 3.238   -0.586  -4.242  1.00 3.68  ? 26  THR A N   1 
ATOM   190 C CA  . THR A 1 26 ? 2.460   -1.809  -4.183  1.00 3.61  ? 26  THR A CA  1 
ATOM   191 C C   . THR A 1 26 ? 3.103   -2.777  -3.194  1.00 3.60  ? 26  THR A C   1 
ATOM   192 O O   . THR A 1 26 ? 4.209   -2.541  -2.668  1.00 4.87  ? 26  THR A O   1 
ATOM   193 C CB  . THR A 1 26 ? 2.274   -2.444  -5.576  1.00 4.04  ? 26  THR A CB  1 
ATOM   194 O OG1 . THR A 1 26 ? 3.600   -2.790  -6.057  1.00 4.03  ? 26  THR A OG1 1 
ATOM   195 C CG2 . THR A 1 26 ? 1.544   -1.466  -6.502  1.00 5.64  ? 26  THR A CG2 1 
ATOM   196 N N   . CYS A 1 27 ? 2.375   -3.852  -2.907  1.00 3.88  ? 27  CYS A N   1 
ATOM   197 C CA  . CYS A 1 27 ? 2.846   -4.938  -2.081  1.00 3.67  ? 27  CYS A CA  1 
ATOM   198 C C   . CYS A 1 27 ? 2.557   -6.289  -2.760  1.00 3.51  ? 27  CYS A C   1 
ATOM   199 O O   . CYS A 1 27 ? 1.595   -6.420  -3.533  1.00 3.92  ? 27  CYS A O   1 
ATOM   200 C CB  . CYS A 1 27 ? 2.135   -5.000  -0.695  1.00 4.39  ? 27  CYS A CB  1 
ATOM   201 S SG  . CYS A 1 27 ? 2.137   -3.384  0.160   1.00 4.67  ? 27  CYS A SG  1 
ATOM   202 N N   . TYR A 1 28 ? 3.342   -7.286  -2.362  1.00 3.49  ? 28  TYR A N   1 
ATOM   203 C CA  . TYR A 1 28 ? 3.007   -8.686  -2.630  1.00 3.60  ? 28  TYR A CA  1 
ATOM   204 C C   . TYR A 1 28 ? 3.026   -8.975  -4.143  1.00 3.92  ? 28  TYR A C   1 
ATOM   205 O O   . TYR A 1 28 ? 2.101   -9.537  -4.747  1.00 4.19  ? 28  TYR A O   1 
ATOM   206 C CB  . TYR A 1 28 ? 1.680   -9.111  -1.992  1.00 3.90  ? 28  TYR A CB  1 
ATOM   207 C CG  . TYR A 1 28 ? 1.490   -8.625  -0.566  1.00 3.95  ? 28  TYR A CG  1 
ATOM   208 C CD1 . TYR A 1 28 ? 0.229   -8.142  -0.173  1.00 3.92  ? 28  TYR A CD1 1 
ATOM   209 C CD2 . TYR A 1 28 ? 2.506   -8.698  0.398   1.00 4.14  ? 28  TYR A CD2 1 
ATOM   210 C CE1 . TYR A 1 28 ? -0.019  -7.766  1.148   1.00 4.30  ? 28  TYR A CE1 1 
ATOM   211 C CE2 . TYR A 1 28 ? 2.263   -8.320  1.717   1.00 4.40  ? 28  TYR A CE2 1 
ATOM   212 C CZ  . TYR A 1 28 ? 0.998   -7.869  2.095   1.00 4.18  ? 28  TYR A CZ  1 
ATOM   213 O OH  . TYR A 1 28 ? 0.707   -7.567  3.405   1.00 5.53  ? 28  TYR A OH  1 
ATOM   214 N N   . ARG A 1 29 ? 4.155   -8.598  -4.763  1.00 4.23  ? 29  ARG A N   1 
ATOM   215 C CA  . ARG A 1 29 ? 4.431   -8.858  -6.181  1.00 4.00  ? 29  ARG A CA  1 
ATOM   216 C C   . ARG A 1 29 ? 3.455   -8.091  -7.087  1.00 4.03  ? 29  ARG A C   1 
ATOM   217 O O   . ARG A 1 29 ? 3.030   -8.560  -8.140  1.00 4.75  ? 29  ARG A O   1 
ATOM   218 C CB  . ARG A 1 29 ? 4.486   -10.374 -6.484  1.00 4.59  ? 29  ARG A CB  1 
ATOM   219 C CG  . ARG A 1 29 ? 5.640   -10.754 -7.417  1.00 5.05  ? 29  ARG A CG  1 
ATOM   220 C CD  . ARG A 1 29 ? 5.554   -12.243 -7.780  1.00 5.40  ? 29  ARG A CD  1 
ATOM   221 N NE  . ARG A 1 29 ? 6.756   -12.702 -8.491  1.00 6.16  ? 29  ARG A NE  1 
ATOM   222 C CZ  . ARG A 1 29 ? 6.985   -12.497 -9.776  1.00 5.73  ? 29  ARG A CZ  1 
ATOM   223 N NH1 . ARG A 1 29 ? 6.079   -11.924 -10.571 1.00 6.07  ? 29  ARG A NH1 1 
ATOM   224 N NH2 . ARG A 1 29 ? 8.164   -12.881 -10.294 1.00 7.10  ? 29  ARG A NH2 1 
ATOM   225 N N   . GLY A 1 30 ? 3.149   -6.854  -6.655  1.00 3.88  ? 30  GLY A N   1 
ATOM   226 C CA  . GLY A 1 30 ? 2.378   -5.947  -7.499  1.00 4.17  ? 30  GLY A CA  1 
ATOM   227 C C   . GLY A 1 30 ? 0.872   -6.117  -7.423  1.00 3.77  ? 30  GLY A C   1 
ATOM   228 O O   . GLY A 1 30 ? 0.152   -5.423  -8.151  1.00 4.48  ? 30  GLY A O   1 
ATOM   229 N N   . GLU A 1 31 ? 0.392   -7.036  -6.570  1.00 3.60  ? 31  GLU A N   1 
ATOM   230 C CA  . GLU A 1 31 ? -1.015  -7.406  -6.552  1.00 3.95  ? 31  GLU A CA  1 
ATOM   231 C C   . GLU A 1 31 ? -1.857  -6.572  -5.625  1.00 4.31  ? 31  GLU A C   1 
ATOM   232 O O   . GLU A 1 31 ? -3.090  -6.478  -5.827  1.00 5.72  ? 31  GLU A O   1 
ATOM   233 C CB  . GLU A 1 31 ? -1.126  -8.901  -6.189  1.00 4.23  ? 31  GLU A CB  1 
ATOM   234 C CG  . GLU A 1 31 ? -0.373  -9.833  -7.163  1.00 4.23  ? 31  GLU A CG  1 
ATOM   235 C CD  . GLU A 1 31 ? -1.149  -10.213 -8.416  1.00 4.64  ? 31  GLU A CD  1 
ATOM   236 O OE1 . GLU A 1 31 ? -2.264  -9.712  -8.671  1.00 7.10  ? 31  GLU A OE1 1 
ATOM   237 O OE2 . GLU A 1 31 ? -0.595  -11.068 -9.192  1.00 5.17  ? 31  GLU A OE2 1 
ATOM   238 N N   . ALA A 1 32 ? -1.237  -5.988  -4.595  1.00 3.95  ? 32  ALA A N   1 
ATOM   239 C CA  . ALA A 1 32 ? -1.926  -5.160  -3.617  1.00 3.94  ? 32  ALA A CA  1 
ATOM   240 C C   . ALA A 1 32 ? -1.333  -3.747  -3.679  1.00 3.63  ? 32  ALA A C   1 
ATOM   241 O O   . ALA A 1 32 ? -0.193  -3.547  -4.158  1.00 4.34  ? 32  ALA A O   1 
ATOM   242 C CB  . ALA A 1 32 ? -1.737  -5.756  -2.199  1.00 4.31  ? 32  ALA A CB  1 
ATOM   243 N N   . LYS A 1 33 ? -2.048  -2.768  -3.151  1.00 4.53  ? 33  LYS A N   1 
ATOM   244 C CA  . LYS A 1 33 ? -1.597  -1.382  -3.086  1.00 4.43  ? 33  LYS A CA  1 
ATOM   245 C C   . LYS A 1 33 ? -1.016  -1.075  -1.706  1.00 4.34  ? 33  LYS A C   1 
ATOM   246 O O   . LYS A 1 33 ? -1.498  -1.551  -0.691  1.00 5.53  ? 33  LYS A O   1 
ATOM   247 C CB  . LYS A 1 33 ? -2.742  -0.416  -3.396  1.00 4.90  ? 33  LYS A CB  1 
ATOM   248 C CG  . LYS A 1 33 ? -3.033  -0.408  -4.885  1.00 7.08  ? 33  LYS A CG  1 
ATOM   249 C CD  . LYS A 1 33 ? -4.344  0.240   -5.299  1.00 7.27  ? 33  LYS A CD  1 
ATOM   250 C CE  . LYS A 1 33 ? -5.490  -0.691  -5.109  1.00 9.03  ? 33  LYS A CE  1 
ATOM   251 N NZ  . LYS A 1 33 ? -6.713  -0.175  -5.842  1.00 8.79  ? 33  LYS A NZ  1 
ATOM   252 N N   . CYS A 1 34 ? -0.001  -0.214  -1.677  1.00 4.40  ? 34  CYS A N   1 
ATOM   253 C CA  . CYS A 1 34 ? 0.473   0.387   -0.423  1.00 4.42  ? 34  CYS A CA  1 
ATOM   254 C C   . CYS A 1 34 ? -0.211  1.763   -0.327  1.00 4.51  ? 34  CYS A C   1 
ATOM   255 O O   . CYS A 1 34 ? 0.053   2.654   -1.136  1.00 5.65  ? 34  CYS A O   1 
ATOM   256 C CB  . CYS A 1 34 ? 1.992   0.559   -0.442  1.00 4.69  ? 34  CYS A CB  1 
ATOM   257 S SG  . CYS A 1 34 ? 2.575   1.310   1.107   1.00 5.55  ? 34  CYS A SG  1 
ATOM   258 N N   . CYS A 1 35 ? -1.113  1.896   0.656   1.00 5.16  ? 35  CYS A N   1 
ATOM   259 C CA  . CYS A 1 35 ? -1.944  3.105   0.787   1.00 5.18  ? 35  CYS A CA  1 
ATOM   260 C C   . CYS A 1 35 ? -1.513  3.886   2.021   1.00 5.60  ? 35  CYS A C   1 
ATOM   261 O O   . CYS A 1 35 ? -1.225  3.332   3.074   1.00 5.97  ? 35  CYS A O   1 
ATOM   262 C CB  . CYS A 1 35 ? -3.412  2.686   0.953   1.00 6.85  ? 35  CYS A CB  1 
ATOM   263 S SG  . CYS A 1 35 ? -4.050  1.629   -0.341  1.00 6.98  ? 35  CYS A SG  1 
ATOM   264 N N   . LYS A 1 36 ? -1.529  5.227   1.895   1.00 6.28  ? 36  LYS A N   1 
ATOM   265 C CA  . LYS A 1 36 ? -1.233  6.098   3.046   1.00 6.59  ? 36  LYS A CA  1 
ATOM   266 C C   . LYS A 1 36 ? -1.911  7.428   2.886   1.00 8.50  ? 36  LYS A C   1 
ATOM   267 O O   . LYS A 1 36 ? -2.354  8.013   3.916   1.00 10.88 ? 36  LYS A O   1 
ATOM   268 C CB  . LYS A 1 36 ? 0.280   6.288   3.201   1.00 6.91  ? 36  LYS A CB  1 
ATOM   269 C CG  . LYS A 1 36 ? 0.702   6.980   4.476   1.00 7.59  ? 36  LYS A CG  1 
ATOM   270 C CD  . LYS A 1 36 ? 2.185   7.139   4.591   1.00 8.76  ? 36  LYS A CD  1 
ATOM   271 C CE  . LYS A 1 36 ? 2.571   7.880   5.795   1.00 11.15 ? 36  LYS A CE  1 
ATOM   272 N NZ  . LYS A 1 36 ? 3.985   8.204   5.837   1.00 14.49 ? 36  LYS A NZ  1 
ATOM   273 O OXT . LYS A 1 36 ? -1.950  7.914   1.744   1.00 9.45  ? 36  LYS A OXT 1 
HETATM 274 O O   . HOH B 2 .  ? -7.012  2.773   -4.887  1.00 4.46  ? 101 HOH A O   1 
HETATM 275 O O   . HOH B 2 .  ? 3.701   -2.657  -8.802  1.00 3.98  ? 102 HOH A O   1 
HETATM 276 O O   . HOH B 2 .  ? 1.124   -3.176  -9.534  1.00 5.07  ? 103 HOH A O   1 
HETATM 277 O O   . HOH B 2 .  ? 4.783   -5.169  -4.790  1.00 5.11  ? 104 HOH A O   1 
HETATM 278 O O   . HOH B 2 .  ? 13.037  2.053   1.378   1.00 7.64  ? 105 HOH A O   1 
HETATM 279 O O   . HOH B 2 .  ? 3.659   -10.646 -9.966  1.00 5.88  ? 106 HOH A O   1 
HETATM 280 O O   . HOH B 2 .  ? 3.115   0.932   8.086   1.00 7.77  ? 107 HOH A O   1 
HETATM 281 O O   . HOH B 2 .  ? -6.300  -6.380  1.976   1.00 8.76  ? 108 HOH A O   1 
HETATM 282 O O   . HOH B 2 .  ? -3.877  7.110   -5.262  1.00 10.42 ? 109 HOH A O   1 
HETATM 283 O O   . HOH B 2 .  ? 8.836   -6.629  0.585   1.00 10.68 ? 110 HOH A O   1 
HETATM 284 O O   . HOH B 2 .  ? -9.849  -0.895  1.466   1.00 11.27 ? 111 HOH A O   1 
HETATM 285 O O   . HOH B 2 .  ? 8.643   6.161   7.980   1.00 10.83 ? 112 HOH A O   1 
HETATM 286 O O   . HOH B 2 .  ? -2.122  7.863   6.636   1.00 12.36 ? 113 HOH A O   1 
HETATM 287 O O   . HOH B 2 .  ? -4.329  -7.974  -7.825  1.00 12.17 ? 114 HOH A O   1 
HETATM 288 O O   . HOH B 2 .  ? -8.278  -2.479  -5.271  1.00 10.41 ? 115 HOH A O   1 
HETATM 289 O O   . HOH B 2 .  ? -5.114  -4.476  -5.637  1.00 13.25 ? 116 HOH A O   1 
HETATM 290 O O   . HOH B 2 .  ? 5.251   -0.254  -1.138  1.00 12.47 ? 117 HOH A O   1 
HETATM 291 O O   . HOH B 2 .  ? -8.675  -5.317  2.605   1.00 10.71 ? 118 HOH A O   1 
HETATM 292 O O   . HOH B 2 .  ? -7.694  6.540   -2.521  1.00 12.04 ? 119 HOH A O   1 
HETATM 293 O O   . HOH B 2 .  ? 2.225   -2.028  6.428   1.00 11.59 ? 120 HOH A O   1 
HETATM 294 O O   A HOH B 2 .  ? -0.180  6.220   8.175   0.33 5.30  ? 121 HOH A O   1 
HETATM 295 O O   B HOH B 2 .  ? 1.572   7.808   9.551   0.33 8.20  ? 121 HOH A O   1 
HETATM 296 O O   C HOH B 2 .  ? 1.271   5.952   9.057   0.33 9.50  ? 121 HOH A O   1 
HETATM 297 O O   . HOH B 2 .  ? 0.318   -3.611  5.579   1.00 16.66 ? 122 HOH A O   1 
HETATM 298 O O   . HOH B 2 .  ? 6.862   -7.501  -3.989  1.00 14.66 ? 123 HOH A O   1 
HETATM 299 O O   . HOH B 2 .  ? -10.007 7.744   3.775   1.00 12.30 ? 124 HOH A O   1 
HETATM 300 O O   . HOH B 2 .  ? -9.499  4.042   -4.025  1.00 14.39 ? 125 HOH A O   1 
HETATM 301 O O   . HOH B 2 .  ? -12.203 -2.044  -2.863  1.00 15.65 ? 126 HOH A O   1 
HETATM 302 O O   . HOH B 2 .  ? 10.655  3.548   4.241   1.00 19.56 ? 127 HOH A O   1 
HETATM 303 O O   A HOH B 2 .  ? 9.821   4.902   -0.502  0.70 11.85 ? 128 HOH A O   1 
HETATM 304 O O   B HOH B 2 .  ? 9.867   5.267   1.228   0.30 35.59 ? 128 HOH A O   1 
HETATM 305 O O   . HOH B 2 .  ? -7.734  0.450   5.809   1.00 18.51 ? 129 HOH A O   1 
HETATM 306 O O   A HOH B 2 .  ? -0.385  8.241   -5.830  0.50 10.53 ? 130 HOH A O   1 
HETATM 307 O O   B HOH B 2 .  ? 0.480   9.237   -4.428  0.50 12.56 ? 130 HOH A O   1 
HETATM 308 O O   . HOH B 2 .  ? -3.815  10.206  3.928   1.00 19.35 ? 131 HOH A O   1 
HETATM 309 O O   . HOH B 2 .  ? -3.596  -7.047  2.763   1.00 28.83 ? 132 HOH A O   1 
HETATM 310 O O   . HOH B 2 .  ? -6.842  10.603  -1.979  1.00 20.44 ? 133 HOH A O   1 
HETATM 311 O O   . HOH B 2 .  ? 6.141   2.234   -1.072  1.00 18.63 ? 134 HOH A O   1 
HETATM 312 O O   . HOH B 2 .  ? 5.574   6.728   -2.981  1.00 20.79 ? 135 HOH A O   1 
HETATM 313 O O   . HOH B 2 .  ? 2.031   -5.365  4.947   1.00 18.83 ? 136 HOH A O   1 
HETATM 314 O O   . HOH B 2 .  ? -9.251  10.124  -3.385  1.00 31.92 ? 137 HOH A O   1 
HETATM 315 O O   . HOH B 2 .  ? 4.143   9.691   -1.894  1.00 25.83 ? 138 HOH A O   1 
HETATM 316 O O   . HOH B 2 .  ? -4.906  -9.860  -6.556  1.00 22.28 ? 139 HOH A O   1 
HETATM 317 O O   . HOH B 2 .  ? -1.841  -7.751  4.568   1.00 20.94 ? 140 HOH A O   1 
HETATM 318 O O   . HOH B 2 .  ? -1.365  10.588  -5.902  1.00 26.10 ? 141 HOH A O   1 
HETATM 319 O O   . HOH B 2 .  ? 0.784   10.718  0.181   1.00 32.18 ? 142 HOH A O   1 
HETATM 320 O O   . HOH B 2 .  ? -1.382  10.537  1.540   1.00 22.13 ? 143 HOH A O   1 
HETATM 321 O O   . HOH B 2 .  ? 10.423  -7.245  -2.531  1.00 24.13 ? 144 HOH A O   1 
HETATM 322 O O   . HOH B 2 .  ? 10.288  -13.776 -8.337  1.00 33.71 ? 145 HOH A O   1 
HETATM 323 O O   . HOH B 2 .  ? 3.476   9.528   8.443   1.00 21.80 ? 146 HOH A O   1 
HETATM 324 O O   . HOH B 2 .  ? -2.574  -4.975  5.506   1.00 27.01 ? 147 HOH A O   1 
HETATM 325 O O   . HOH B 2 .  ? -6.288  13.479  2.052   1.00 23.29 ? 148 HOH A O   1 
HETATM 326 O O   . HOH B 2 .  ? 5.487   6.696   0.872   1.00 29.04 ? 149 HOH A O   1 
HETATM 327 O O   . HOH B 2 .  ? -6.637  -3.180  -7.475  1.00 15.03 ? 150 HOH A O   1 
HETATM 328 O O   . HOH B 2 .  ? 2.499   14.431  -2.913  1.00 15.25 ? 151 HOH A O   1 
HETATM 329 O O   . HOH B 2 .  ? -6.267  5.658   -4.894  1.00 15.74 ? 152 HOH A O   1 
HETATM 330 O O   . HOH B 2 .  ? -2.457  7.072   -7.649  1.00 15.96 ? 153 HOH A O   1 
HETATM 331 O O   . HOH B 2 .  ? -9.203  16.311  4.065   1.00 18.51 ? 154 HOH A O   1 
HETATM 332 O O   . HOH B 2 .  ? -4.211  9.706   -5.797  1.00 21.57 ? 156 HOH A O   1 
HETATM 333 O O   . HOH B 2 .  ? -8.562  4.994   6.335   1.00 21.57 ? 157 HOH A O   1 
HETATM 334 O O   . HOH B 2 .  ? -12.747 2.534   2.084   1.00 21.59 ? 158 HOH A O   1 
HETATM 335 O O   . HOH B 2 .  ? -10.912 3.388   6.296   1.00 23.99 ? 159 HOH A O   1 
HETATM 336 O O   . HOH B 2 .  ? 9.931   6.510   5.676   1.00 26.08 ? 160 HOH A O   1 
HETATM 337 O O   . HOH B 2 .  ? 5.695   4.246   0.758   1.00 24.58 ? 161 HOH A O   1 
HETATM 338 O O   . HOH B 2 .  ? -7.856  -8.018  -4.967  1.00 37.30 ? 162 HOH A O   1 
HETATM 339 O O   . HOH B 2 .  ? -0.238  11.045  4.670   1.00 25.13 ? 163 HOH A O   1 
HETATM 340 O O   . HOH B 2 .  ? -3.526  11.984  1.518   1.00 23.80 ? 164 HOH A O   1 
HETATM 341 O O   . HOH B 2 .  ? -6.393  10.884  -4.582  1.00 23.42 ? 165 HOH A O   1 
HETATM 342 O O   . HOH B 2 .  ? 2.098   -6.636  7.570   1.00 29.27 ? 166 HOH A O   1 
HETATM 343 O O   . HOH B 2 .  ? 12.307  -8.082  -4.182  1.00 61.76 ? 167 HOH A O   1 
HETATM 344 O O   . HOH B 2 .  ? 0.352   16.292  -2.498  1.00 20.87 ? 168 HOH A O   1 
HETATM 345 O O   . HOH B 2 .  ? -0.535  13.752  -5.587  1.00 26.54 ? 169 HOH A O   1 
HETATM 346 O O   . HOH B 2 .  ? -10.405 -6.193  -3.785  1.00 41.08 ? 170 HOH A O   1 
HETATM 347 O O   . HOH B 2 .  ? 6.309   9.518   6.890   1.00 34.16 ? 171 HOH A O   1 
HETATM 348 O O   . HOH B 2 .  ? 1.625   10.562  -2.423  1.00 53.77 ? 172 HOH A O   1 
HETATM 349 O O   . HOH B 2 .  ? -11.894 1.794   0.188   1.00 27.72 ? 173 HOH A O   1 
HETATM 350 O O   . HOH B 2 .  ? -9.088  12.346  -1.381  1.00 37.66 ? 174 HOH A O   1 
HETATM 351 O O   . HOH B 2 .  ? -6.429  -0.896  10.416  1.00 42.23 ? 175 HOH A O   1 
HETATM 352 O O   . HOH B 2 .  ? 2.764   11.177  1.984   1.00 57.24 ? 176 HOH A O   1 
HETATM 353 O O   . HOH B 2 .  ? 9.281   -6.832  -4.889  1.00 38.44 ? 177 HOH A O   1 
HETATM 354 O O   . HOH B 2 .  ? -13.080 -4.430  -1.597  1.00 34.61 ? 179 HOH A O   1 
HETATM 355 O O   . HOH B 2 .  ? 1.646   12.839  -1.014  1.00 62.43 ? 180 HOH A O   1 
HETATM 356 O O   . HOH B 2 .  ? 12.799  -9.991  1.549   1.00 56.37 ? 181 HOH A O   1 
HETATM 357 O O   . HOH B 2 .  ? -0.069  8.813   7.878   1.00 60.71 ? 182 HOH A O   1 
HETATM 358 O O   . HOH B 2 .  ? -8.313  -1.341  7.569   1.00 51.07 ? 183 HOH A O   1 
HETATM 359 O O   . HOH B 2 .  ? -5.777  -3.026  -3.780  1.00 44.01 ? 185 HOH A O   1 
HETATM 360 O O   . HOH B 2 .  ? -2.498  14.405  -3.585  1.00 63.40 ? 187 HOH A O   1 
HETATM 361 O O   . HOH B 2 .  ? -4.972  12.431  -0.715  1.00 57.99 ? 188 HOH A O   1 
HETATM 362 O O   . HOH B 2 .  ? 0.314   14.188  0.979   1.00 55.34 ? 189 HOH A O   1 
HETATM 363 O O   . HOH B 2 .  ? 1.817   11.513  7.137   1.00 68.52 ? 190 HOH A O   1 
HETATM 364 O O   . HOH B 2 .  ? 3.925   5.131   2.548   1.00 53.51 ? 191 HOH A O   1 
# 
loop_
_atom_site_anisotrop.id 
_atom_site_anisotrop.type_symbol 
_atom_site_anisotrop.pdbx_label_atom_id 
_atom_site_anisotrop.pdbx_label_alt_id 
_atom_site_anisotrop.pdbx_label_comp_id 
_atom_site_anisotrop.pdbx_label_asym_id 
_atom_site_anisotrop.pdbx_label_seq_id 
_atom_site_anisotrop.pdbx_PDB_ins_code 
_atom_site_anisotrop.U[1][1] 
_atom_site_anisotrop.U[2][2] 
_atom_site_anisotrop.U[3][3] 
_atom_site_anisotrop.U[1][2] 
_atom_site_anisotrop.U[1][3] 
_atom_site_anisotrop.U[2][3] 
_atom_site_anisotrop.pdbx_auth_seq_id 
_atom_site_anisotrop.pdbx_auth_comp_id 
_atom_site_anisotrop.pdbx_auth_asym_id 
_atom_site_anisotrop.pdbx_auth_atom_id 
1   N N   . ASP A 1  ? 0.0895 0.1137 0.0520 -0.0088 -0.0012 0.0124  1   ASP A N   
2   C CA  . ASP A 1  ? 0.0691 0.0915 0.0540 -0.0086 -0.0213 -0.0116 1   ASP A CA  
3   C C   . ASP A 1  ? 0.0581 0.0791 0.0414 -0.0076 -0.0216 -0.0022 1   ASP A C   
4   O O   . ASP A 1  ? 0.0802 0.0647 0.0444 -0.0103 -0.0096 -0.0005 1   ASP A O   
5   C CB  . ASP A 1  ? 0.0722 0.0971 0.0626 -0.0028 -0.0135 -0.0174 1   ASP A CB  
6   C CG  . ASP A 1  ? 0.0596 0.0999 0.0781 -0.0051 -0.0230 -0.0249 1   ASP A CG  
7   O OD1 . ASP A 1  ? 0.0702 0.1206 0.0695 -0.0091 -0.0140 -0.0311 1   ASP A OD1 
8   O OD2 . ASP A 1  ? 0.0876 0.1299 0.1264 -0.0033 -0.0361 -0.0405 1   ASP A OD2 
9   N N   . HIS A 2  ? 0.0585 0.0744 0.0470 -0.0002 -0.0200 -0.0122 2   HIS A N   
10  C CA  . HIS A 2  ? 0.0616 0.0604 0.0549 -0.0113 -0.0223 0.0087  2   HIS A CA  
11  C C   . HIS A 2  ? 0.0530 0.0536 0.0473 -0.0093 -0.0245 0.0064  2   HIS A C   
12  O O   . HIS A 2  ? 0.0519 0.0601 0.0551 -0.0077 -0.0165 -0.0024 2   HIS A O   
13  C CB  . HIS A 2  ? 0.0826 0.0771 0.0635 -0.0266 -0.0367 0.0047  2   HIS A CB  
14  C CG  . HIS A 2  ? 0.1131 0.0761 0.0815 -0.0277 -0.0421 0.0066  2   HIS A CG  
15  N ND1 . HIS A 2  ? 0.1644 0.0984 0.0943 -0.0474 -0.0304 0.0102  2   HIS A ND1 
16  C CD2 . HIS A 2  ? 0.1491 0.1129 0.0786 -0.0418 -0.0500 0.0321  2   HIS A CD2 
17  C CE1 . HIS A 2  ? 0.1567 0.0825 0.0712 -0.0437 -0.0212 0.0194  2   HIS A CE1 
18  N NE2 . HIS A 2  ? 0.1737 0.1232 0.1271 -0.0465 -0.0490 0.0140  2   HIS A NE2 
19  N N   . TYR A 3  ? 0.0493 0.0571 0.0435 -0.0068 -0.0152 -0.0029 3   TYR A N   
20  C CA  . TYR A 3  ? 0.0448 0.0645 0.0326 -0.0064 -0.0120 0.0040  3   TYR A CA  
21  C C   . TYR A 3  ? 0.0481 0.0630 0.0401 -0.0001 -0.0147 0.0035  3   TYR A C   
22  O O   . TYR A 3  ? 0.0682 0.0580 0.0387 0.0006  -0.0203 -0.0028 3   TYR A O   
23  C CB  . TYR A 3  ? 0.0481 0.0625 0.0385 -0.0064 -0.0100 0.0035  3   TYR A CB  
24  C CG  . TYR A 3  ? 0.0526 0.0610 0.0533 -0.0021 -0.0193 0.0031  3   TYR A CG  
25  C CD1 . TYR A 3  ? 0.1273 0.0795 0.0696 0.0072  0.0208  -0.0014 3   TYR A CD1 
26  C CD2 . TYR A 3  ? 0.0811 0.0578 0.0424 0.0004  -0.0160 0.0043  3   TYR A CD2 
27  C CE1 . TYR A 3  ? 0.1273 0.0613 0.0946 -0.0001 0.0235  -0.0113 3   TYR A CE1 
28  C CE2 . TYR A 3  ? 0.0859 0.0705 0.0445 -0.0069 -0.0252 0.0174  3   TYR A CE2 
29  C CZ  . TYR A 3  ? 0.1095 0.0682 0.0633 0.0059  -0.0013 0.0043  3   TYR A CZ  
30  O OH  . TYR A 3  ? 0.1497 0.0636 0.0921 0.0112  0.0164  0.0062  3   TYR A OH  
31  N N   . ASN A 4  ? 0.0545 0.0589 0.0353 -0.0055 -0.0148 -0.0006 4   ASN A N   
32  C CA  . ASN A 4  ? 0.0598 0.0597 0.0563 -0.0044 -0.0194 0.0097  4   ASN A CA  
33  C C   . ASN A 4  ? 0.0598 0.0541 0.0478 -0.0092 -0.0146 0.0028  4   ASN A C   
34  O O   . ASN A 4  ? 0.0716 0.0630 0.0710 -0.0056 -0.0132 -0.0061 4   ASN A O   
35  C CB  . ASN A 4  ? 0.0789 0.0725 0.0542 -0.0019 -0.0115 0.0168  4   ASN A CB  
36  C CG  . ASN A 4  ? 0.1187 0.0891 0.1035 -0.0138 0.0042  0.0131  4   ASN A CG  
37  O OD1 . ASN A 4  ? 0.1318 0.1275 0.1583 -0.0558 0.0339  -0.0147 4   ASN A OD1 
38  N ND2 . ASN A 4  ? 0.2301 0.1255 0.1887 0.0005  -0.0293 0.0678  4   ASN A ND2 
39  N N   . CYS A 5  ? 0.0583 0.0626 0.0522 0.0025  -0.0145 -0.0056 5   CYS A N   
40  C CA  . CYS A 5  ? 0.0467 0.0603 0.0631 0.0001  -0.0149 -0.0069 5   CYS A CA  
41  C C   . CYS A 5  ? 0.0496 0.0612 0.0569 -0.0065 -0.0103 -0.0079 5   CYS A C   
42  O O   . CYS A 5  ? 0.0751 0.0721 0.0644 0.0085  -0.0164 -0.0192 5   CYS A O   
43  C CB  . CYS A 5  ? 0.0482 0.0647 0.0755 -0.0009 -0.0187 -0.0103 5   CYS A CB  
44  S SG  . CYS A 5  ? 0.0569 0.0766 0.0724 0.0035  -0.0090 -0.0135 5   CYS A SG  
45  N N   . VAL A 6  ? 0.0549 0.0598 0.0530 -0.0061 -0.0046 -0.0091 6   VAL A N   
46  C CA  . VAL A 6  ? 0.0655 0.0621 0.0575 -0.0015 0.0016  -0.0002 6   VAL A CA  
47  C C   . VAL A 6  ? 0.0671 0.0631 0.0489 -0.0061 -0.0101 0.0018  6   VAL A C   
48  O O   . VAL A 6  ? 0.0766 0.0778 0.0526 -0.0076 0.0000  -0.0155 6   VAL A O   
49  C CB  . VAL A 6  ? 0.0731 0.0755 0.0508 -0.0030 0.0065  0.0025  6   VAL A CB  
50  C CG1 . VAL A 6  ? 0.0858 0.0807 0.0551 0.0108  0.0014  0.0113  6   VAL A CG1 
51  C CG2 . VAL A 6  ? 0.0938 0.0680 0.0731 -0.0087 0.0160  0.0047  6   VAL A CG2 
52  N N   . SER A 7  ? 0.0621 0.0625 0.0495 -0.0095 -0.0144 -0.0078 7   SER A N   
53  C CA  . SER A 7  ? 0.0699 0.0824 0.0424 -0.0064 -0.0128 0.0049  7   SER A CA  
54  C C   . SER A 7  ? 0.0675 0.0720 0.0616 -0.0172 -0.0189 -0.0075 7   SER A C   
55  O O   . SER A 7  ? 0.0969 0.0838 0.0781 -0.0149 -0.0303 -0.0093 7   SER A O   
56  C CB  . SER A 7  ? 0.0578 0.0932 0.0857 -0.0099 -0.0150 -0.0012 7   SER A CB  
57  O OG  . SER A 7  ? 0.0670 0.1451 0.0854 -0.0282 -0.0040 -0.0223 7   SER A OG  
58  N N   . SER A 8  ? 0.1040 0.0547 0.0702 -0.0091 -0.0380 -0.0010 8   SER A N   
59  C CA  . SER A 8  ? 0.1168 0.0745 0.0886 -0.0022 -0.0318 -0.0036 8   SER A CA  
60  C C   . SER A 8  ? 0.1273 0.0739 0.0980 0.0024  -0.0394 -0.0193 8   SER A C   
61  O O   . SER A 8  ? 0.1627 0.0739 0.1461 0.0278  -0.0280 -0.0086 8   SER A O   
62  C CB  A SER A 8  ? 0.1231 0.0837 0.0842 0.0003  -0.0309 0.0048  8   SER A CB  
63  C CB  B SER A 8  ? 0.1524 0.0903 0.0931 0.0106  -0.0274 0.0076  8   SER A CB  
64  O OG  A SER A 8  ? 0.1240 0.0582 0.0594 0.0160  -0.0391 -0.0019 8   SER A OG  
65  O OG  B SER A 8  ? 0.1984 0.1195 0.1332 -0.0046 -0.0098 0.0185  8   SER A OG  
66  N N   . GLY A 9  ? 0.1002 0.0814 0.1008 0.0076  -0.0328 -0.0308 9   GLY A N   
67  C CA  . GLY A 9  ? 0.1198 0.0987 0.0887 0.0024  -0.0293 -0.0351 9   GLY A CA  
68  C C   . GLY A 9  ? 0.0952 0.0783 0.0832 0.0139  -0.0117 -0.0208 9   GLY A C   
69  O O   . GLY A 9  ? 0.1169 0.1050 0.0866 0.0212  -0.0026 -0.0252 9   GLY A O   
70  N N   . GLY A 10 ? 0.0849 0.0783 0.0763 0.0118  -0.0111 -0.0245 10  GLY A N   
71  C CA  . GLY A 10 ? 0.0702 0.0827 0.0674 0.0126  -0.0094 -0.0173 10  GLY A CA  
72  C C   . GLY A 10 ? 0.0711 0.0775 0.0530 0.0112  -0.0072 -0.0145 10  GLY A C   
73  O O   . GLY A 10 ? 0.0668 0.0864 0.0712 0.0129  -0.0084 -0.0059 10  GLY A O   
74  N N   . GLN A 11 ? 0.0671 0.0707 0.0700 0.0054  -0.0065 -0.0104 11  GLN A N   
75  C CA  . GLN A 11 ? 0.0724 0.0775 0.0603 0.0041  -0.0045 -0.0077 11  GLN A CA  
76  C C   . GLN A 11 ? 0.0668 0.0654 0.0590 -0.0030 -0.0049 -0.0006 11  GLN A C   
77  O O   . GLN A 11 ? 0.0844 0.0669 0.0651 0.0035  -0.0058 -0.0037 11  GLN A O   
78  C CB  . GLN A 11 ? 0.0865 0.1020 0.0695 0.0046  0.0064  -0.0128 11  GLN A CB  
79  C CG  . GLN A 11 ? 0.0963 0.1209 0.0685 -0.0097 0.0012  0.0035  11  GLN A CG  
80  C CD  . GLN A 11 ? 0.0948 0.1667 0.0969 -0.0087 0.0061  0.0010  11  GLN A CD  
81  O OE1 . GLN A 11 ? 0.1058 0.1638 0.2038 0.0032  0.0284  -0.0294 11  GLN A OE1 
82  N NE2 . GLN A 11 ? 0.1324 0.2568 0.1725 -0.0048 0.0380  0.0491  11  GLN A NE2 
83  N N   . CYS A 12 ? 0.0740 0.0661 0.0588 0.0016  -0.0025 0.0020  12  CYS A N   
84  C CA  . CYS A 12 ? 0.0646 0.0612 0.0595 0.0024  -0.0034 -0.0031 12  CYS A CA  
85  C C   . CYS A 12 ? 0.0697 0.0649 0.0725 0.0023  0.0015  0.0055  12  CYS A C   
86  O O   . CYS A 12 ? 0.0774 0.0949 0.0767 -0.0208 -0.0016 0.0257  12  CYS A O   
87  C CB  . CYS A 12 ? 0.0668 0.0697 0.0715 0.0010  0.0027  0.0058  12  CYS A CB  
88  S SG  . CYS A 12 ? 0.0711 0.0686 0.0517 0.0051  -0.0132 -0.0046 12  CYS A SG  
89  N N   . LEU A 13 ? 0.0612 0.0666 0.0631 -0.0089 0.0068  -0.0001 13  LEU A N   
90  C CA  . LEU A 13 ? 0.0536 0.0709 0.0707 -0.0079 -0.0003 -0.0024 13  LEU A CA  
91  C C   . LEU A 13 ? 0.0513 0.0736 0.0749 -0.0013 0.0007  -0.0081 13  LEU A C   
92  O O   . LEU A 13 ? 0.0580 0.0909 0.0688 -0.0111 0.0083  0.0065  13  LEU A O   
93  C CB  . LEU A 13 ? 0.0647 0.0708 0.0891 -0.0012 0.0017  -0.0002 13  LEU A CB  
94  C CG  . LEU A 13 ? 0.0731 0.0763 0.0826 0.0101  -0.0009 -0.0104 13  LEU A CG  
95  C CD1 . LEU A 13 ? 0.0943 0.0804 0.1059 0.0104  0.0151  -0.0084 13  LEU A CD1 
96  C CD2 . LEU A 13 ? 0.1102 0.0885 0.0781 -0.0073 0.0147  -0.0116 13  LEU A CD2 
97  N N   . TYR A 14 ? 0.0688 0.0774 0.0649 -0.0022 -0.0037 -0.0069 14  TYR A N   
98  C CA  . TYR A 14 ? 0.0697 0.0798 0.0767 0.0094  -0.0128 -0.0105 14  TYR A CA  
99  C C   . TYR A 14 ? 0.0992 0.1130 0.0867 0.0174  -0.0417 -0.0127 14  TYR A C   
100 O O   . TYR A 14 ? 0.1236 0.1344 0.1185 0.0163  -0.0294 -0.0029 14  TYR A O   
101 C CB  . TYR A 14 ? 0.0670 0.0784 0.0884 -0.0038 -0.0113 -0.0147 14  TYR A CB  
102 C CG  . TYR A 14 ? 0.0573 0.0613 0.0622 -0.0108 -0.0044 -0.0130 14  TYR A CG  
103 C CD1 . TYR A 14 ? 0.0637 0.0773 0.0609 -0.0082 0.0119  -0.0122 14  TYR A CD1 
104 C CD2 . TYR A 14 ? 0.0727 0.0712 0.0522 -0.0090 -0.0123 0.0054  14  TYR A CD2 
105 C CE1 . TYR A 14 ? 0.0598 0.0823 0.0494 -0.0076 -0.0050 -0.0047 14  TYR A CE1 
106 C CE2 . TYR A 14 ? 0.0726 0.0644 0.0568 -0.0088 0.0132  -0.0098 14  TYR A CE2 
107 C CZ  . TYR A 14 ? 0.0622 0.0509 0.0408 -0.0240 -0.0034 -0.0038 14  TYR A CZ  
108 O OH  . TYR A 14 ? 0.0632 0.0631 0.0539 -0.0045 -0.0009 -0.0081 14  TYR A OH  
109 N N   . SER A 15 ? 0.0781 0.1017 0.1139 0.0086  -0.0114 0.0074  15  SER A N   
110 C CA  . SER A 15 ? 0.0907 0.1092 0.1095 0.0056  -0.0148 0.0086  15  SER A CA  
111 C C   . SER A 15 ? 0.0851 0.1054 0.0949 0.0036  -0.0131 -0.0021 15  SER A C   
112 O O   . SER A 15 ? 0.0909 0.1082 0.1138 0.0000  -0.0162 0.0044  15  SER A O   
113 C CB  . SER A 15 ? 0.0884 0.1120 0.1578 0.0103  -0.0045 0.0201  15  SER A CB  
114 O OG  . SER A 15 ? 0.1233 0.1326 0.1198 0.0219  0.0121  0.0319  15  SER A OG  
115 N N   . ALA A 16 ? 0.0929 0.0990 0.0919 0.0007  -0.0020 0.0137  16  ALA A N   
116 C CA  . ALA A 16 ? 0.1055 0.1078 0.0853 -0.0022 -0.0135 0.0129  16  ALA A CA  
117 C C   . ALA A 16 ? 0.1029 0.1025 0.0684 0.0190  -0.0033 0.0187  16  ALA A C   
118 O O   . ALA A 16 ? 0.1277 0.1023 0.0883 -0.0033 -0.0025 0.0080  16  ALA A O   
119 C CB  . ALA A 16 ? 0.1221 0.1293 0.1114 -0.0037 -0.0243 0.0135  16  ALA A CB  
120 N N   . CYS A 17 ? 0.0815 0.0927 0.0808 0.0098  -0.0061 0.0100  17  CYS A N   
121 C CA  . CYS A 17 ? 0.0898 0.0992 0.0894 0.0084  0.0079  0.0048  17  CYS A CA  
122 C C   . CYS A 17 ? 0.0828 0.0720 0.1122 0.0272  -0.0142 -0.0016 17  CYS A C   
123 O O   . CYS A 17 ? 0.1009 0.1235 0.1104 0.0442  -0.0149 -0.0037 17  CYS A O   
124 C CB  . CYS A 17 ? 0.0788 0.0912 0.1071 0.0103  0.0035  0.0057  17  CYS A CB  
125 S SG  . CYS A 17 ? 0.0829 0.1093 0.0969 -0.0040 0.0113  -0.0131 17  CYS A SG  
126 N N   . PRO A 18 ? 0.0780 0.0980 0.1083 0.0281  0.0100  0.0149  18  PRO A N   
127 C CA  . PRO A 18 ? 0.0814 0.1254 0.1104 0.0276  0.0163  0.0143  18  PRO A CA  
128 C C   . PRO A 18 ? 0.0930 0.0893 0.0774 0.0380  0.0040  0.0190  18  PRO A C   
129 O O   . PRO A 18 ? 0.0984 0.0906 0.0940 0.0315  0.0130  0.0044  18  PRO A O   
130 C CB  . PRO A 18 ? 0.1140 0.1328 0.1149 0.0318  0.0229  0.0174  18  PRO A CB  
131 C CG  . PRO A 18 ? 0.1167 0.1390 0.1211 0.0233  0.0080  0.0095  18  PRO A CG  
132 C CD  . PRO A 18 ? 0.0853 0.0950 0.1018 0.0194  -0.0056 0.0082  18  PRO A CD  
133 N N   . ILE A 19 ? 0.1021 0.1120 0.0825 0.0485  -0.0068 -0.0079 19  ILE A N   
134 C CA  . ILE A 19 ? 0.1005 0.0943 0.1480 0.0213  -0.0306 -0.0178 19  ILE A CA  
135 C C   . ILE A 19 ? 0.1171 0.1455 0.1218 0.0207  0.0081  0.0168  19  ILE A C   
136 O O   . ILE A 19 ? 0.1269 0.1564 0.1295 0.0026  0.0077  0.0177  19  ILE A O   
137 C CB  . ILE A 19 ? 0.0903 0.1171 0.1484 0.0274  -0.0213 -0.0186 19  ILE A CB  
138 C CG1 . ILE A 19 ? 0.1587 0.1167 0.1158 0.0015  -0.0037 -0.0040 19  ILE A CG1 
139 C CG2 . ILE A 19 ? 0.0843 0.2028 0.1614 -0.0003 -0.0124 0.0367  19  ILE A CG2 
140 C CD1 . ILE A 19 ? 0.1430 0.1233 0.1504 0.0062  0.0083  -0.0141 19  ILE A CD1 
141 N N   . PHE A 20 ? 0.0899 0.1405 0.1462 0.0425  0.0187  -0.0429 20  PHE A N   
142 C CA  . PHE A 20 ? 0.0695 0.0977 0.1107 0.0095  -0.0020 -0.0356 20  PHE A CA  
143 C C   . PHE A 20 ? 0.0823 0.0963 0.1345 0.0038  0.0030  -0.0382 20  PHE A C   
144 O O   . PHE A 20 ? 0.0884 0.1219 0.2147 0.0121  0.0018  -0.0595 20  PHE A O   
145 C CB  . PHE A 20 ? 0.0756 0.1203 0.1081 0.0227  -0.0032 -0.0327 20  PHE A CB  
146 C CG  . PHE A 20 ? 0.0823 0.1105 0.0871 0.0163  -0.0029 -0.0332 20  PHE A CG  
147 C CD1 . PHE A 20 ? 0.0848 0.1259 0.0768 0.0226  -0.0041 -0.0157 20  PHE A CD1 
148 C CD2 . PHE A 20 ? 0.0943 0.1259 0.1076 0.0224  -0.0036 -0.0183 20  PHE A CD2 
149 C CE1 . PHE A 20 ? 0.0800 0.1414 0.0900 0.0197  0.0035  -0.0190 20  PHE A CE1 
150 C CE2 . PHE A 20 ? 0.1086 0.1151 0.1007 0.0346  -0.0214 -0.0254 20  PHE A CE2 
151 C CZ  . PHE A 20 ? 0.0791 0.1434 0.1029 0.0274  0.0026  -0.0194 20  PHE A CZ  
152 N N   . THR A 21 ? 0.0781 0.0895 0.1180 0.0219  0.0109  -0.0170 21  THR A N   
153 C CA  . THR A 21 ? 0.0759 0.1052 0.0957 0.0263  0.0052  -0.0104 21  THR A CA  
154 C C   . THR A 21 ? 0.0803 0.1078 0.0905 0.0292  0.0056  -0.0041 21  THR A C   
155 O O   . THR A 21 ? 0.0844 0.1457 0.0972 0.0297  0.0006  -0.0094 21  THR A O   
156 C CB  . THR A 21 ? 0.0921 0.1058 0.0976 0.0171  0.0136  -0.0066 21  THR A CB  
157 O OG1 . THR A 21 ? 0.0834 0.1070 0.1136 0.0268  0.0088  -0.0010 21  THR A OG1 
158 C CG2 . THR A 21 ? 0.1238 0.1338 0.1012 0.0285  0.0107  0.0058  21  THR A CG2 
159 N N   . LYS A 22 ? 0.0803 0.1008 0.0883 0.0287  0.0111  -0.0050 22  LYS A N   
160 C CA  . LYS A 22 ? 0.0881 0.1013 0.0991 0.0326  0.0124  0.0071  22  LYS A CA  
161 C C   . LYS A 22 ? 0.0738 0.0883 0.0777 0.0139  0.0146  -0.0003 22  LYS A C   
162 O O   . LYS A 22 ? 0.0763 0.0835 0.0726 0.0200  0.0031  -0.0026 22  LYS A O   
163 C CB  . LYS A 22 ? 0.1390 0.0941 0.1474 0.0189  0.0333  -0.0016 22  LYS A CB  
164 C CG  . LYS A 22 ? 0.2150 0.1314 0.1962 0.0471  0.0223  0.0029  22  LYS A CG  
165 C CD  . LYS A 22 ? 0.2339 0.1318 0.2419 0.0412  0.0184  0.0016  22  LYS A CD  
166 C CE  . LYS A 22 ? 0.2994 0.2841 0.2986 0.0090  0.0103  0.0052  22  LYS A CE  
167 N NZ  . LYS A 22 ? 0.3386 0.3123 0.3530 -0.0314 0.0115  0.0087  22  LYS A NZ  
168 N N   . ILE A 23 ? 0.0739 0.0850 0.0669 0.0221  -0.0028 0.0066  23  ILE A N   
169 C CA  . ILE A 23 ? 0.0710 0.0743 0.0581 0.0201  0.0011  0.0022  23  ILE A CA  
170 C C   . ILE A 23 ? 0.0765 0.0659 0.0614 0.0066  0.0096  0.0032  23  ILE A C   
171 O O   . ILE A 23 ? 0.0914 0.0782 0.1003 0.0012  0.0150  0.0187  23  ILE A O   
172 C CB  . ILE A 23 ? 0.0757 0.0878 0.0499 0.0133  0.0017  0.0123  23  ILE A CB  
173 C CG1 . ILE A 23 ? 0.0903 0.1035 0.0658 0.0064  -0.0132 0.0074  23  ILE A CG1 
174 C CG2 . ILE A 23 ? 0.0944 0.0916 0.0562 0.0129  -0.0033 -0.0016 23  ILE A CG2 
175 C CD1 . ILE A 23 ? 0.1056 0.1241 0.0742 -0.0038 -0.0146 0.0054  23  ILE A CD1 
176 N N   . GLN A 24 ? 0.0612 0.0624 0.0668 0.0007  0.0018  -0.0026 24  GLN A N   
177 C CA  . GLN A 24 ? 0.0709 0.0659 0.0769 0.0003  0.0008  -0.0222 24  GLN A CA  
178 C C   . GLN A 24 ? 0.0639 0.0567 0.0628 -0.0074 -0.0033 0.0015  24  GLN A C   
179 O O   . GLN A 24 ? 0.0676 0.0678 0.0886 -0.0104 0.0031  -0.0133 24  GLN A O   
180 C CB  . GLN A 24 ? 0.0908 0.1486 0.1064 0.0091  0.0064  -0.0378 24  GLN A CB  
181 C CG  . GLN A 24 ? 0.1274 0.1581 0.1294 -0.0055 0.0079  -0.0292 24  GLN A CG  
182 C CD  . GLN A 24 ? 0.0944 0.1439 0.2032 -0.0088 -0.0114 -0.0127 24  GLN A CD  
183 O OE1 . GLN A 24 ? 0.1526 0.1417 0.3026 -0.0049 -0.0305 -0.0606 24  GLN A OE1 
184 N NE2 . GLN A 24 ? 0.1362 0.1633 0.1659 -0.0060 0.0026  -0.0216 24  GLN A NE2 
185 N N   . GLY A 25 ? 0.0614 0.0516 0.0736 0.0007  0.0091  -0.0015 25  GLY A N   
186 C CA  . GLY A 25 ? 0.0681 0.0547 0.0823 0.0049  0.0086  -0.0030 25  GLY A CA  
187 C C   . GLY A 25 ? 0.0505 0.0598 0.0405 0.0013  0.0033  0.0105  25  GLY A C   
188 O O   . GLY A 25 ? 0.0562 0.0543 0.0552 -0.0016 0.0022  0.0063  25  GLY A O   
189 N N   . THR A 26 ? 0.0403 0.0558 0.0435 0.0021  -0.0056 0.0060  26  THR A N   
190 C CA  . THR A 26 ? 0.0471 0.0414 0.0485 -0.0018 -0.0089 -0.0011 26  THR A CA  
191 C C   . THR A 26 ? 0.0515 0.0489 0.0362 -0.0040 -0.0165 -0.0007 26  THR A C   
192 O O   . THR A 26 ? 0.0601 0.0593 0.0656 -0.0132 -0.0255 0.0152  26  THR A O   
193 C CB  . THR A 26 ? 0.0489 0.0630 0.0417 0.0067  -0.0117 0.0016  26  THR A CB  
194 O OG1 . THR A 26 ? 0.0506 0.0588 0.0436 -0.0003 -0.0046 0.0059  26  THR A OG1 
195 C CG2 . THR A 26 ? 0.0702 0.1066 0.0373 0.0149  -0.0125 0.0008  26  THR A CG2 
196 N N   . CYS A 27 ? 0.0474 0.0532 0.0466 -0.0069 -0.0188 0.0067  27  CYS A N   
197 C CA  . CYS A 27 ? 0.0544 0.0472 0.0376 -0.0032 -0.0172 -0.0015 27  CYS A CA  
198 C C   . CYS A 27 ? 0.0490 0.0545 0.0297 -0.0086 -0.0091 0.0081  27  CYS A C   
199 O O   . CYS A 27 ? 0.0530 0.0544 0.0413 -0.0066 -0.0147 -0.0050 27  CYS A O   
200 C CB  . CYS A 27 ? 0.0615 0.0583 0.0466 -0.0094 -0.0129 -0.0032 27  CYS A CB  
201 S SG  . CYS A 27 ? 0.0705 0.0545 0.0523 -0.0031 -0.0116 -0.0059 27  CYS A SG  
202 N N   . TYR A 28 ? 0.0488 0.0492 0.0343 -0.0067 -0.0112 0.0004  28  TYR A N   
203 C CA  . TYR A 28 ? 0.0515 0.0463 0.0388 -0.0095 -0.0156 0.0013  28  TYR A CA  
204 C C   . TYR A 28 ? 0.0569 0.0542 0.0377 0.0000  -0.0070 0.0071  28  TYR A C   
205 O O   . TYR A 28 ? 0.0565 0.0651 0.0374 -0.0143 -0.0107 -0.0049 28  TYR A O   
206 C CB  . TYR A 28 ? 0.0566 0.0572 0.0342 -0.0120 -0.0118 0.0041  28  TYR A CB  
207 C CG  . TYR A 28 ? 0.0559 0.0516 0.0426 -0.0180 -0.0082 0.0045  28  TYR A CG  
208 C CD1 . TYR A 28 ? 0.0641 0.0462 0.0385 -0.0126 -0.0080 0.0110  28  TYR A CD1 
209 C CD2 . TYR A 28 ? 0.0586 0.0538 0.0446 -0.0168 -0.0136 0.0047  28  TYR A CD2 
210 C CE1 . TYR A 28 ? 0.0595 0.0537 0.0500 -0.0052 -0.0022 0.0052  28  TYR A CE1 
211 C CE2 . TYR A 28 ? 0.0694 0.0596 0.0379 -0.0179 -0.0211 0.0075  28  TYR A CE2 
212 C CZ  . TYR A 28 ? 0.0667 0.0478 0.0441 -0.0070 -0.0112 0.0024  28  TYR A CZ  
213 O OH  . TYR A 28 ? 0.0904 0.0786 0.0410 0.0008  -0.0039 -0.0043 28  TYR A OH  
214 N N   . ARG A 29 ? 0.0578 0.0631 0.0398 -0.0077 -0.0104 0.0015  29  ARG A N   
215 C CA  . ARG A 29 ? 0.0525 0.0553 0.0438 -0.0042 -0.0031 0.0001  29  ARG A CA  
216 C C   . ARG A 29 ? 0.0566 0.0578 0.0385 -0.0066 0.0008  0.0027  29  ARG A C   
217 O O   . ARG A 29 ? 0.0729 0.0677 0.0395 -0.0022 -0.0098 -0.0045 29  ARG A O   
218 C CB  . ARG A 29 ? 0.0670 0.0643 0.0428 0.0014  0.0029  0.0127  29  ARG A CB  
219 C CG  . ARG A 29 ? 0.0701 0.0643 0.0573 -0.0088 -0.0007 0.0002  29  ARG A CG  
220 C CD  . ARG A 29 ? 0.0816 0.0625 0.0607 0.0060  0.0116  -0.0036 29  ARG A CD  
221 N NE  . ARG A 29 ? 0.0860 0.0820 0.0661 0.0108  0.0113  0.0014  29  ARG A NE  
222 C CZ  . ARG A 29 ? 0.0745 0.0644 0.0787 -0.0065 0.0065  -0.0117 29  ARG A CZ  
223 N NH1 . ARG A 29 ? 0.0845 0.0874 0.0585 -0.0139 0.0149  -0.0062 29  ARG A NH1 
224 N NH2 . ARG A 29 ? 0.0810 0.1038 0.0850 -0.0054 0.0204  -0.0131 29  ARG A NH2 
225 N N   . GLY A 30 ? 0.0550 0.0562 0.0360 -0.0043 -0.0070 0.0019  30  GLY A N   
226 C CA  . GLY A 30 ? 0.0578 0.0576 0.0431 -0.0041 -0.0005 0.0083  30  GLY A CA  
227 C C   . GLY A 30 ? 0.0633 0.0532 0.0267 -0.0084 -0.0068 0.0003  30  GLY A C   
228 O O   . GLY A 30 ? 0.0681 0.0604 0.0418 -0.0022 -0.0066 0.0107  30  GLY A O   
229 N N   . GLU A 31 ? 0.0494 0.0556 0.0315 -0.0094 -0.0096 0.0030  31  GLU A N   
230 C CA  . GLU A 31 ? 0.0544 0.0578 0.0380 -0.0124 -0.0150 0.0011  31  GLU A CA  
231 C C   . GLU A 31 ? 0.0510 0.0631 0.0497 -0.0054 -0.0149 0.0012  31  GLU A C   
232 O O   . GLU A 31 ? 0.0584 0.0971 0.0617 0.0019  -0.0153 -0.0155 31  GLU A O   
233 C CB  . GLU A 31 ? 0.0626 0.0616 0.0361 -0.0101 -0.0087 0.0028  31  GLU A CB  
234 C CG  . GLU A 31 ? 0.0645 0.0477 0.0483 -0.0048 -0.0085 -0.0006 31  GLU A CG  
235 C CD  . GLU A 31 ? 0.0652 0.0609 0.0501 -0.0057 -0.0177 -0.0015 31  GLU A CD  
236 O OE1 . GLU A 31 ? 0.0870 0.1096 0.0730 0.0131  -0.0339 -0.0300 31  GLU A OE1 
237 O OE2 . GLU A 31 ? 0.0917 0.0547 0.0500 -0.0050 -0.0127 -0.0005 31  GLU A OE2 
238 N N   . ALA A 32 ? 0.0467 0.0583 0.0450 -0.0028 -0.0051 -0.0090 32  ALA A N   
239 C CA  . ALA A 32 ? 0.0473 0.0640 0.0386 0.0021  -0.0102 0.0017  32  ALA A CA  
240 C C   . ALA A 32 ? 0.0416 0.0552 0.0408 0.0011  -0.0078 -0.0010 32  ALA A C   
241 O O   . ALA A 32 ? 0.0538 0.0569 0.0540 -0.0019 -0.0097 0.0010  32  ALA A O   
242 C CB  . ALA A 32 ? 0.0614 0.0616 0.0407 -0.0028 -0.0040 0.0032  32  ALA A CB  
243 N N   . LYS A 33 ? 0.0526 0.0611 0.0584 -0.0082 0.0033  -0.0040 33  LYS A N   
244 C CA  . LYS A 33 ? 0.0533 0.0575 0.0575 -0.0015 0.0039  -0.0010 33  LYS A CA  
245 C C   . LYS A 33 ? 0.0538 0.0569 0.0541 -0.0032 0.0005  0.0005  33  LYS A C   
246 O O   . LYS A 33 ? 0.0674 0.0874 0.0551 -0.0240 -0.0043 0.0044  33  LYS A O   
247 C CB  . LYS A 33 ? 0.0618 0.0629 0.0614 0.0103  -0.0035 -0.0011 33  LYS A CB  
248 C CG  . LYS A 33 ? 0.0994 0.0959 0.0738 0.0126  -0.0234 -0.0081 33  LYS A CG  
249 C CD  . LYS A 33 ? 0.0981 0.1051 0.0728 -0.0057 -0.0301 0.0042  33  LYS A CD  
250 C CE  . LYS A 33 ? 0.1084 0.1234 0.1110 0.0223  -0.0108 -0.0084 33  LYS A CE  
251 N NZ  . LYS A 33 ? 0.0801 0.1543 0.0994 0.0068  -0.0150 -0.0222 33  LYS A NZ  
252 N N   . CYS A 34 ? 0.0516 0.0649 0.0507 -0.0039 0.0041  0.0019  34  CYS A N   
253 C CA  . CYS A 34 ? 0.0557 0.0653 0.0469 -0.0033 -0.0059 -0.0082 34  CYS A CA  
254 C C   . CYS A 34 ? 0.0535 0.0642 0.0534 0.0007  0.0017  -0.0044 34  CYS A C   
255 O O   . CYS A 34 ? 0.0791 0.0608 0.0747 0.0075  0.0141  0.0109  34  CYS A O   
256 C CB  . CYS A 34 ? 0.0548 0.0600 0.0631 0.0057  -0.0030 -0.0036 34  CYS A CB  
257 S SG  . CYS A 34 ? 0.0642 0.0756 0.0709 0.0038  -0.0112 -0.0122 34  CYS A SG  
258 N N   . CYS A 35 ? 0.0699 0.0639 0.0621 0.0108  0.0011  0.0001  35  CYS A N   
259 C CA  . CYS A 35 ? 0.0538 0.0724 0.0705 0.0164  -0.0029 -0.0080 35  CYS A CA  
260 C C   . CYS A 35 ? 0.0603 0.0785 0.0738 0.0109  0.0051  -0.0084 35  CYS A C   
261 O O   . CYS A 35 ? 0.0765 0.0856 0.0644 0.0139  -0.0040 -0.0018 35  CYS A O   
262 C CB  . CYS A 35 ? 0.0704 0.0910 0.0988 0.0161  0.0135  -0.0124 35  CYS A CB  
263 S SG  . CYS A 35 ? 0.0686 0.0888 0.1076 0.0065  0.0028  -0.0195 35  CYS A SG  
264 N N   . LYS A 36 ? 0.0854 0.0765 0.0765 0.0140  0.0006  -0.0144 36  LYS A N   
265 C CA  . LYS A 36 ? 0.0931 0.0856 0.0714 0.0102  0.0014  -0.0167 36  LYS A CA  
266 C C   . LYS A 36 ? 0.1259 0.1039 0.0930 0.0284  -0.0099 -0.0307 36  LYS A C   
267 O O   . LYS A 36 ? 0.1445 0.1380 0.1308 0.0517  -0.0134 -0.0589 36  LYS A O   
268 C CB  . LYS A 36 ? 0.0914 0.0888 0.0820 0.0132  0.0040  -0.0113 36  LYS A CB  
269 C CG  . LYS A 36 ? 0.0999 0.1053 0.0830 0.0072  -0.0021 -0.0160 36  LYS A CG  
270 C CD  . LYS A 36 ? 0.1038 0.1039 0.1249 -0.0005 -0.0095 -0.0205 36  LYS A CD  
271 C CE  . LYS A 36 ? 0.1438 0.1160 0.1637 0.0190  -0.0165 -0.0299 36  LYS A CE  
272 N NZ  . LYS A 36 ? 0.1663 0.1505 0.2333 0.0040  -0.0347 -0.0128 36  LYS A NZ  
273 O OXT . LYS A 36 ? 0.1606 0.0840 0.1144 0.0298  -0.0319 -0.0246 36  LYS A OXT 
274 O O   . HOH B .  ? 0.0553 0.0691 0.0450 0.0082  -0.0168 -0.0025 101 HOH A O   
275 O O   . HOH B .  ? 0.0533 0.0596 0.0379 -0.0064 -0.0096 0.0046  102 HOH A O   
276 O O   . HOH B .  ? 0.0721 0.0721 0.0484 -0.0076 -0.0145 0.0119  103 HOH A O   
277 O O   . HOH B .  ? 0.0943 0.0487 0.0508 -0.0027 -0.0043 0.0000  104 HOH A O   
278 O O   . HOH B .  ? 0.1686 0.0898 0.0318 0.0525  -0.0044 0.0154  105 HOH A O   
279 O O   . HOH B .  ? 0.0857 0.0655 0.0719 -0.0030 -0.0009 -0.0112 106 HOH A O   
280 O O   . HOH B .  ? 0.0739 0.1406 0.0808 0.0170  -0.0051 -0.0255 107 HOH A O   
281 O O   . HOH B .  ? 0.1331 0.0779 0.1216 -0.0371 -0.0262 -0.0014 108 HOH A O   
282 O O   . HOH B .  ? 0.1050 0.1605 0.1305 0.0369  -0.0238 0.0041  109 HOH A O   
283 O O   . HOH B .  ? 0.1497 0.1461 0.1099 0.0442  -0.0325 -0.0214 110 HOH A O   
284 O O   . HOH B .  ? 0.1545 0.1263 0.1474 0.0148  0.0355  0.0310  111 HOH A O   
285 O O   . HOH B .  ? 0.1699 0.0933 0.1481 0.0007  -0.0463 -0.0227 112 HOH A O   
286 O O   . HOH B .  ? 0.1137 0.2407 0.1147 -0.0082 0.0301  -0.0432 113 HOH A O   
287 O O   . HOH B .  ? 0.1671 0.1749 0.1203 -0.0243 -0.0335 -0.0432 114 HOH A O   
288 O O   . HOH B .  ? 0.1062 0.1636 0.1256 0.0192  -0.0332 0.0077  115 HOH A O   
289 O O   . HOH B .  ? 0.1466 0.2243 0.1322 0.0913  0.0176  0.0555  116 HOH A O   
290 O O   . HOH B .  ? 0.1533 0.1812 0.1393 0.0536  -0.0189 0.0044  117 HOH A O   
291 O O   . HOH B .  ? 0.1580 0.1166 0.1321 -0.0145 0.0106  -0.0283 118 HOH A O   
292 O O   . HOH B .  ? 0.1421 0.1412 0.1742 0.0090  -0.0168 0.0064  119 HOH A O   
293 O O   . HOH B .  ? 0.1491 0.1229 0.1681 0.0230  -0.0280 0.0257  120 HOH A O   
294 O O   A HOH B .  ? 0.0886 0.0604 0.0520 0.0246  0.0047  -0.0241 121 HOH A O   
295 O O   B HOH B .  ? 0.1137 0.1011 0.0966 0.0032  -0.0405 -0.0015 121 HOH A O   
296 O O   C HOH B .  ? 0.1236 0.1624 0.0747 0.0159  -0.0083 -0.0491 121 HOH A O   
297 O O   . HOH B .  ? 0.3345 0.1706 0.1276 -0.0120 -0.0888 0.0485  122 HOH A O   
298 O O   . HOH B .  ? 0.1183 0.2936 0.1450 -0.0074 -0.0594 -0.1116 123 HOH A O   
299 O O   . HOH B .  ? 0.1997 0.1674 0.0999 0.0036  0.0081  0.0211  124 HOH A O   
300 O O   . HOH B .  ? 0.1649 0.2591 0.1226 -0.0196 -0.0015 0.0139  125 HOH A O   
301 O O   . HOH B .  ? 0.1352 0.1722 0.2872 -0.0410 -0.0309 0.0432  126 HOH A O   
302 O O   . HOH B .  ? 0.1516 0.3450 0.2463 -0.0008 0.0307  0.1783  127 HOH A O   
303 O O   A HOH B .  ? 0.1695 0.1411 0.1396 -0.0090 0.0090  0.0055  128 HOH A O   
304 O O   B HOH B .  ? 0.4508 0.4470 0.4542 -0.0005 0.0035  -0.0046 128 HOH A O   
305 O O   . HOH B .  ? 0.1502 0.2975 0.2555 0.0250  0.0082  -0.0650 129 HOH A O   
306 O O   A HOH B .  ? 0.1603 0.0997 0.1398 0.0005  -0.0377 0.0538  130 HOH A O   
307 O O   B HOH B .  ? 0.1388 0.1252 0.2130 0.0113  0.0228  0.0256  130 HOH A O   
308 O O   . HOH B .  ? 0.3008 0.1974 0.2370 0.0990  -0.0620 -0.0754 131 HOH A O   
309 O O   . HOH B .  ? 0.4027 0.3535 0.3390 -0.0490 -0.0170 -0.0071 132 HOH A O   
310 O O   . HOH B .  ? 0.1910 0.2460 0.3396 0.0109  -0.0025 0.0503  133 HOH A O   
311 O O   . HOH B .  ? 0.3822 0.2016 0.1240 -0.0199 -0.0165 -0.0037 134 HOH A O   
312 O O   . HOH B .  ? 0.3992 0.1492 0.2416 -0.0584 -0.0099 -0.0259 135 HOH A O   
313 O O   . HOH B .  ? 0.1841 0.3806 0.1506 0.0140  -0.0159 0.0405  136 HOH A O   
314 O O   . HOH B .  ? 0.3597 0.3916 0.4615 -0.0153 -0.0071 -0.0240 137 HOH A O   
315 O O   . HOH B .  ? 0.4071 0.3086 0.2655 -0.0896 -0.0032 0.0170  138 HOH A O   
316 O O   . HOH B .  ? 0.3565 0.2110 0.2791 0.0239  -0.1457 0.0094  139 HOH A O   
317 O O   . HOH B .  ? 0.2817 0.3121 0.2016 0.0545  0.0660  -0.0267 140 HOH A O   
318 O O   . HOH B .  ? 0.3296 0.3099 0.3519 0.0163  0.0012  -0.0160 141 HOH A O   
319 O O   . HOH B .  ? 0.3948 0.3919 0.4359 -0.0023 -0.0031 -0.0018 142 HOH A O   
320 O O   . HOH B .  ? 0.3134 0.1409 0.3864 -0.0154 0.0277  -0.0063 143 HOH A O   
321 O O   . HOH B .  ? 0.3306 0.2559 0.3301 0.0351  -0.0334 -0.0549 144 HOH A O   
322 O O   . HOH B .  ? 0.3997 0.4749 0.4061 0.0049  -0.0105 0.0161  145 HOH A O   
323 O O   . HOH B .  ? 0.3321 0.2950 0.2011 -0.0036 -0.0257 -0.0411 146 HOH A O   
324 O O   . HOH B .  ? 0.4290 0.3789 0.2184 -0.0029 -0.0149 0.0854  147 HOH A O   
325 O O   . HOH B .  ? 0.3169 0.2049 0.3629 -0.0227 0.0685  -0.0431 148 HOH A O   
326 O O   . HOH B .  ? 0.3441 0.3673 0.3919 0.0065  -0.0470 0.0088  149 HOH A O   
327 O O   . HOH B .  ? 0.2037 0.2444 0.1229 0.0628  -0.0126 0.0237  150 HOH A O   
328 O O   . HOH B .  ? 0.1747 0.2334 0.1711 0.0079  0.0233  0.0167  151 HOH A O   
329 O O   . HOH B .  ? 0.1486 0.2645 0.1847 -0.0658 -0.0434 0.0589  152 HOH A O   
330 O O   . HOH B .  ? 0.2044 0.1836 0.2181 0.0440  0.0453  0.0535  153 HOH A O   
331 O O   . HOH B .  ? 0.2414 0.2720 0.1900 -0.0463 0.0359  -0.0605 154 HOH A O   
332 O O   . HOH B .  ? 0.3105 0.2661 0.2429 -0.0085 -0.0075 0.0177  156 HOH A O   
333 O O   . HOH B .  ? 0.2702 0.3590 0.1901 -0.0216 0.0217  -0.0851 157 HOH A O   
334 O O   . HOH B .  ? 0.1872 0.2578 0.3750 0.0004  -0.0148 0.1128  158 HOH A O   
335 O O   . HOH B .  ? 0.2942 0.2704 0.3468 0.0690  0.0556  -0.0143 159 HOH A O   
336 O O   . HOH B .  ? 0.3596 0.2966 0.3345 -0.0762 0.0062  0.0014  160 HOH A O   
337 O O   . HOH B .  ? 0.3888 0.3331 0.2119 0.0266  -0.0736 0.0210  161 HOH A O   
338 O O   . HOH B .  ? 0.4676 0.5135 0.4359 0.0031  -0.0142 -0.0169 162 HOH A O   
339 O O   . HOH B .  ? 0.3239 0.3404 0.2902 -0.0205 0.0565  0.0082  163 HOH A O   
340 O O   . HOH B .  ? 0.2603 0.2750 0.3690 -0.0119 0.0221  -0.0438 164 HOH A O   
341 O O   . HOH B .  ? 0.3113 0.2766 0.3017 0.0241  -0.0059 -0.0058 165 HOH A O   
342 O O   . HOH B .  ? 0.3821 0.4298 0.3001 0.0367  0.0294  0.0195  166 HOH A O   
343 O O   . HOH B .  ? 0.7857 0.7815 0.7793 0.0035  0.0024  -0.0009 167 HOH A O   
344 O O   . HOH B .  ? 0.2139 0.2731 0.3057 -0.0065 0.0343  0.0342  168 HOH A O   
345 O O   . HOH B .  ? 0.2235 0.4089 0.3759 0.0540  -0.0048 -0.0043 169 HOH A O   
346 O O   . HOH B .  ? 0.5170 0.5202 0.5235 -0.0207 -0.0230 -0.0083 170 HOH A O   
347 O O   . HOH B .  ? 0.4350 0.4133 0.4494 -0.0147 -0.0139 -0.0023 171 HOH A O   
348 O O   . HOH B .  ? 0.6778 0.6748 0.6903 0.0007  -0.0018 0.0061  172 HOH A O   
349 O O   . HOH B .  ? 0.3440 0.3341 0.3750 0.0258  -0.0076 -0.0038 173 HOH A O   
350 O O   . HOH B .  ? 0.4875 0.4848 0.4587 0.0290  -0.0168 0.0006  174 HOH A O   
351 O O   . HOH B .  ? 0.5348 0.5371 0.5327 -0.0193 0.0114  0.0026  175 HOH A O   
352 O O   . HOH B .  ? 0.7277 0.7215 0.7257 -0.0020 0.0020  -0.0009 176 HOH A O   
353 O O   . HOH B .  ? 0.4938 0.4897 0.4770 -0.0038 0.0086  0.0009  177 HOH A O   
354 O O   . HOH B .  ? 0.4395 0.4187 0.4567 -0.0404 -0.0050 0.0109  179 HOH A O   
355 O O   . HOH B .  ? 0.8042 0.7913 0.7765 -0.0021 -0.0044 0.0002  180 HOH A O   
356 O O   . HOH B .  ? 0.7096 0.7242 0.7081 0.0090  -0.0056 -0.0072 181 HOH A O   
357 O O   . HOH B .  ? 0.7651 0.7701 0.7711 -0.0062 0.0105  -0.0032 182 HOH A O   
358 O O   . HOH B .  ? 0.6399 0.6467 0.6536 -0.0179 0.0062  0.0193  183 HOH A O   
359 O O   . HOH B .  ? 0.5523 0.5542 0.5655 -0.0066 0.0139  0.0040  185 HOH A O   
360 O O   . HOH B .  ? 0.8029 0.8013 0.8047 -0.0032 0.0038  -0.0033 187 HOH A O   
361 O O   . HOH B .  ? 0.7402 0.7164 0.7466 -0.0094 0.0006  -0.0018 188 HOH A O   
362 O O   . HOH B .  ? 0.7003 0.6900 0.7123 0.0058  0.0129  -0.0007 189 HOH A O   
363 O O   . HOH B .  ? 0.8695 0.8654 0.8684 0.0057  0.0024  0.0010  190 HOH A O   
364 O O   . HOH B .  ? 0.6759 0.6853 0.6717 0.0072  -0.0113 -0.0028 191 HOH A O   
# 
